data_3W6N
#
_entry.id   3W6N
#
_cell.length_a   51.340
_cell.length_b   109.020
_cell.length_c   128.820
_cell.angle_alpha   90.00
_cell.angle_beta   90.00
_cell.angle_gamma   90.00
#
_symmetry.space_group_name_H-M   'P 21 21 21'
#
loop_
_entity.id
_entity.type
_entity.pdbx_description
1 polymer 'Dynamin-1-like protein'
2 non-polymer 'AMINOPHOSPHONIC ACID-GUANYLATE ESTER'
3 non-polymer 'PHOSPHATE ION'
4 non-polymer 'MAGNESIUM ION'
5 non-polymer 'CALCIUM ION'
6 non-polymer 'TETRAETHYLENE GLYCOL'
7 water water
#
_entity_poly.entity_id   1
_entity_poly.type   'polypeptide(L)'
_entity_poly.pdbx_seq_one_letter_code
;GPMEALIPVINKLQDVFNTVGADIIQLPQIVVVGTQSSGKSSVLESLVGRDLLPRGTGIVTRRPLILQLVHVSQEDKRKT
TGEENGVEAEEWGKFLHTKNKLYTDFDEIRQEIENETERISGNNKGVSPEPIHLKIFSPNVVNLTLVDLPGMTKVPVGDQ
PKDIELQIRELILRFISNPNSIILAVTAANTDMATSEALKISREVDPDGRRTLAVITKLDLMDAGTDAMDVLMGRVIPVK
LGIIGVVNRSQLDINNKKSVTDSIRDEYAFLQKKYPSLANRNGTKYLARTLNRLLMHHIRDCLPELKTRINVLAAQYQSL
LNSYGEPVDDKHGTDSRRKEAADMLKALQGASQIIAEIRETHLW
;
_entity_poly.pdbx_strand_id   A,B
#
loop_
_chem_comp.id
_chem_comp.type
_chem_comp.name
_chem_comp.formula
CA non-polymer 'CALCIUM ION' 'Ca 2'
GNH non-polymer 'AMINOPHOSPHONIC ACID-GUANYLATE ESTER' 'C10 H16 N6 O10 P2'
MG non-polymer 'MAGNESIUM ION' 'Mg 2'
PG4 non-polymer 'TETRAETHYLENE GLYCOL' 'C8 H18 O5'
PO4 non-polymer 'PHOSPHATE ION' 'O4 P -3'
#
# COMPACT_ATOMS: atom_id res chain seq x y z
N GLY A 1 -25.27 -17.40 10.48
CA GLY A 1 -23.87 -16.87 10.37
C GLY A 1 -22.85 -17.93 10.04
N PRO A 2 -21.61 -17.51 9.73
CA PRO A 2 -20.52 -18.40 9.34
C PRO A 2 -19.82 -19.09 10.51
N MET A 3 -20.07 -18.64 11.73
CA MET A 3 -19.35 -19.17 12.90
C MET A 3 -20.23 -19.69 14.02
N GLU A 4 -20.99 -20.74 13.70
CA GLU A 4 -21.89 -21.37 14.65
C GLU A 4 -21.35 -22.70 15.15
N ALA A 5 -20.29 -23.21 14.50
CA ALA A 5 -19.77 -24.54 14.80
C ALA A 5 -19.35 -24.75 16.25
N LEU A 6 -18.84 -23.69 16.89
CA LEU A 6 -18.41 -23.77 18.28
C LEU A 6 -19.55 -23.73 19.30
N ILE A 7 -20.74 -23.36 18.85
CA ILE A 7 -21.91 -23.29 19.75
C ILE A 7 -22.08 -24.56 20.63
N PRO A 8 -22.17 -25.76 20.02
CA PRO A 8 -22.35 -26.92 20.88
C PRO A 8 -21.15 -27.20 21.80
N VAL A 9 -19.96 -26.81 21.37
CA VAL A 9 -18.74 -27.04 22.16
C VAL A 9 -18.69 -26.14 23.39
N ILE A 10 -18.98 -24.86 23.21
CA ILE A 10 -18.99 -23.91 24.32
C ILE A 10 -20.12 -24.21 25.30
N ASN A 11 -21.26 -24.68 24.78
CA ASN A 11 -22.39 -25.13 25.59
C ASN A 11 -22.02 -26.23 26.59
N LYS A 12 -21.35 -27.27 26.11
CA LYS A 12 -20.95 -28.33 27.04
C LYS A 12 -19.77 -27.90 27.92
N LEU A 13 -18.93 -26.99 27.42
CA LEU A 13 -17.85 -26.42 28.23
C LEU A 13 -18.40 -25.58 29.39
N GLN A 14 -19.47 -24.82 29.10
CA GLN A 14 -20.19 -24.06 30.12
C GLN A 14 -20.72 -24.97 31.22
N ASP A 15 -21.30 -26.10 30.83
CA ASP A 15 -21.79 -27.11 31.78
C ASP A 15 -20.71 -27.58 32.74
N VAL A 16 -19.50 -27.80 32.23
CA VAL A 16 -18.37 -28.24 33.04
C VAL A 16 -17.95 -27.15 34.03
N PHE A 17 -17.92 -25.90 33.55
CA PHE A 17 -17.57 -24.77 34.42
C PHE A 17 -18.64 -24.53 35.49
N ASN A 18 -19.91 -24.63 35.10
CA ASN A 18 -21.05 -24.62 36.04
C ASN A 18 -20.90 -25.66 37.15
N THR A 19 -20.62 -26.90 36.76
CA THR A 19 -20.51 -28.04 37.67
C THR A 19 -19.38 -27.86 38.68
N VAL A 20 -18.22 -27.40 38.20
CA VAL A 20 -17.05 -27.14 39.04
C VAL A 20 -17.17 -25.80 39.78
N GLY A 21 -18.14 -24.99 39.39
CA GLY A 21 -18.40 -23.69 40.01
C GLY A 21 -17.33 -22.66 39.73
N ALA A 22 -16.68 -22.80 38.58
CA ALA A 22 -15.61 -21.90 38.17
C ALA A 22 -16.12 -20.95 37.08
N ASP A 23 -15.38 -19.87 36.86
CA ASP A 23 -15.70 -18.92 35.81
C ASP A 23 -15.18 -19.46 34.48
N ILE A 24 -16.06 -19.54 33.49
CA ILE A 24 -15.67 -19.97 32.15
C ILE A 24 -14.58 -19.03 31.60
N ILE A 25 -13.57 -19.62 30.97
CA ILE A 25 -12.54 -18.86 30.28
C ILE A 25 -13.15 -17.97 29.21
N GLN A 26 -12.46 -16.87 28.90
CA GLN A 26 -12.83 -16.07 27.75
C GLN A 26 -11.98 -16.53 26.59
N LEU A 27 -12.63 -16.71 25.44
CA LEU A 27 -11.95 -16.96 24.17
C LEU A 27 -11.09 -15.74 23.82
N PRO A 28 -9.99 -15.92 23.07
CA PRO A 28 -9.24 -14.73 22.68
C PRO A 28 -10.10 -13.77 21.86
N GLN A 29 -9.79 -12.47 21.96
CA GLN A 29 -10.37 -11.46 21.08
C GLN A 29 -9.83 -11.70 19.68
N ILE A 30 -10.66 -11.46 18.68
CA ILE A 30 -10.22 -11.50 17.30
C ILE A 30 -10.11 -10.05 16.81
N VAL A 31 -8.90 -9.64 16.44
CA VAL A 31 -8.61 -8.24 16.16
C VAL A 31 -8.16 -8.08 14.72
N VAL A 32 -8.85 -7.21 13.99
CA VAL A 32 -8.53 -6.95 12.60
C VAL A 32 -7.56 -5.76 12.46
N VAL A 33 -6.47 -5.97 11.73
CA VAL A 33 -5.41 -4.95 11.60
C VAL A 33 -4.97 -4.81 10.14
N GLY A 34 -4.57 -3.60 9.77
CA GLY A 34 -4.08 -3.38 8.42
C GLY A 34 -4.07 -1.92 8.07
N THR A 35 -3.65 -1.65 6.85
CA THR A 35 -3.62 -0.30 6.30
C THR A 35 -5.05 0.20 6.13
N GLN A 36 -5.24 1.51 6.27
CA GLN A 36 -6.52 2.14 5.95
C GLN A 36 -7.05 1.67 4.59
N SER A 37 -8.32 1.27 4.59
CA SER A 37 -9.07 0.87 3.40
C SER A 37 -8.68 -0.45 2.75
N SER A 38 -7.98 -1.31 3.49
CA SER A 38 -7.57 -2.61 2.96
C SER A 38 -8.68 -3.67 2.96
N GLY A 39 -9.84 -3.34 3.52
CA GLY A 39 -10.97 -4.28 3.56
C GLY A 39 -11.27 -4.87 4.94
N LYS A 40 -10.74 -4.23 5.99
CA LYS A 40 -10.78 -4.80 7.35
C LYS A 40 -12.19 -5.01 7.91
N SER A 41 -12.99 -3.95 7.92
CA SER A 41 -14.31 -3.99 8.49
C SER A 41 -15.21 -5.00 7.75
N SER A 42 -15.04 -5.12 6.44
CA SER A 42 -15.80 -6.11 5.65
C SER A 42 -15.47 -7.55 6.07
N VAL A 43 -14.18 -7.83 6.27
CA VAL A 43 -13.73 -9.13 6.79
C VAL A 43 -14.32 -9.43 8.17
N LEU A 44 -14.26 -8.46 9.07
CA LEU A 44 -14.71 -8.69 10.45
C LEU A 44 -16.21 -8.96 10.53
N GLU A 45 -17.00 -8.18 9.81
CA GLU A 45 -18.44 -8.36 9.85
C GLU A 45 -18.87 -9.63 9.11
N SER A 46 -18.02 -10.11 8.20
CA SER A 46 -18.31 -11.36 7.47
C SER A 46 -18.28 -12.56 8.41
N LEU A 47 -17.62 -12.41 9.57
CA LEU A 47 -17.67 -13.42 10.64
C LEU A 47 -18.98 -13.37 11.42
N VAL A 48 -19.71 -12.27 11.30
CA VAL A 48 -21.02 -12.12 11.94
C VAL A 48 -22.12 -12.53 10.94
N GLY A 49 -21.95 -12.14 9.68
CA GLY A 49 -22.92 -12.47 8.62
C GLY A 49 -24.12 -11.52 8.58
N ARG A 50 -24.03 -10.45 9.38
CA ARG A 50 -24.99 -9.36 9.36
C ARG A 50 -24.23 -8.09 9.08
N ASP A 51 -24.85 -7.18 8.34
CA ASP A 51 -24.23 -5.91 8.03
C ASP A 51 -24.45 -4.89 9.13
N LEU A 52 -23.50 -4.78 10.04
CA LEU A 52 -23.61 -3.79 11.12
C LEU A 52 -22.46 -2.78 11.19
N LEU A 53 -21.39 -3.02 10.43
CA LEU A 53 -20.21 -2.16 10.48
C LEU A 53 -20.19 -1.17 9.33
N PRO A 54 -19.95 0.12 9.65
CA PRO A 54 -19.77 1.11 8.59
C PRO A 54 -18.57 0.75 7.73
N ARG A 55 -18.78 0.76 6.41
CA ARG A 55 -17.75 0.41 5.44
C ARG A 55 -17.77 1.44 4.34
N GLY A 56 -16.62 1.62 3.67
CA GLY A 56 -16.54 2.59 2.58
C GLY A 56 -15.12 3.06 2.28
N THR A 57 -15.04 4.02 1.37
CA THR A 57 -13.75 4.65 1.02
C THR A 57 -13.42 5.82 1.93
N GLY A 58 -12.16 6.27 1.87
CA GLY A 58 -11.66 7.29 2.79
C GLY A 58 -11.57 6.68 4.17
N ILE A 59 -11.33 7.50 5.17
CA ILE A 59 -11.22 6.98 6.53
C ILE A 59 -12.63 6.76 7.07
N VAL A 60 -12.89 5.56 7.58
CA VAL A 60 -14.22 5.23 8.07
C VAL A 60 -14.22 4.88 9.55
N THR A 61 -13.52 3.81 9.92
CA THR A 61 -13.45 3.36 11.32
C THR A 61 -12.52 4.34 12.06
N ARG A 62 -13.08 5.18 12.93
CA ARG A 62 -12.28 6.22 13.57
C ARG A 62 -12.29 6.12 15.10
N ARG A 63 -12.88 5.03 15.59
CA ARG A 63 -12.83 4.65 17.00
C ARG A 63 -12.74 3.13 17.01
N PRO A 64 -12.08 2.54 18.02
CA PRO A 64 -12.15 1.09 18.12
C PRO A 64 -13.59 0.65 18.35
N LEU A 65 -13.97 -0.48 17.76
CA LEU A 65 -15.26 -1.08 18.05
C LEU A 65 -15.02 -2.41 18.71
N ILE A 66 -15.46 -2.53 19.95
CA ILE A 66 -15.35 -3.78 20.67
C ILE A 66 -16.70 -4.46 20.57
N LEU A 67 -16.76 -5.39 19.62
CA LEU A 67 -18.00 -6.06 19.26
C LEU A 67 -18.04 -7.40 19.99
N GLN A 68 -18.82 -7.43 21.07
CA GLN A 68 -18.98 -8.63 21.87
C GLN A 68 -20.24 -9.39 21.43
N LEU A 69 -20.03 -10.57 20.86
CA LEU A 69 -21.12 -11.48 20.54
C LEU A 69 -21.51 -12.21 21.83
N VAL A 70 -22.80 -12.19 22.15
CA VAL A 70 -23.31 -12.84 23.36
C VAL A 70 -24.31 -13.92 22.99
N HIS A 71 -23.96 -15.16 23.31
CA HIS A 71 -24.85 -16.30 23.09
C HIS A 71 -26.05 -16.19 24.03
N VAL A 72 -27.25 -16.31 23.47
CA VAL A 72 -28.48 -16.27 24.25
C VAL A 72 -29.03 -17.69 24.48
N SER A 73 -29.08 -18.09 25.75
CA SER A 73 -29.70 -19.35 26.16
C SER A 73 -31.21 -19.32 25.92
N GLN A 74 -31.78 -20.50 25.69
CA GLN A 74 -33.22 -20.63 25.53
C GLN A 74 -33.93 -20.16 26.80
N GLU A 75 -33.33 -20.49 27.94
CA GLU A 75 -33.76 -19.98 29.25
C GLU A 75 -33.15 -18.60 29.51
N GLU A 90 -34.76 -14.20 18.22
CA GLU A 90 -33.71 -13.83 17.27
C GLU A 90 -32.66 -12.88 17.90
N GLU A 91 -32.24 -11.87 17.13
CA GLU A 91 -31.04 -11.09 17.46
C GLU A 91 -31.32 -9.62 17.82
N TRP A 92 -30.45 -9.05 18.64
CA TRP A 92 -30.52 -7.63 18.98
C TRP A 92 -29.17 -7.10 19.50
N GLY A 93 -29.03 -5.78 19.55
CA GLY A 93 -27.81 -5.15 20.01
C GLY A 93 -28.02 -4.26 21.23
N LYS A 94 -26.94 -4.03 21.97
CA LYS A 94 -26.93 -3.09 23.08
C LYS A 94 -25.60 -2.36 23.12
N PHE A 95 -25.65 -1.03 23.10
CA PHE A 95 -24.48 -0.19 23.28
C PHE A 95 -24.36 0.22 24.74
N LEU A 96 -23.17 0.13 25.30
CA LEU A 96 -22.92 0.57 26.66
C LEU A 96 -23.34 2.04 26.88
N HIS A 97 -23.02 2.92 25.92
CA HIS A 97 -23.32 4.35 26.02
C HIS A 97 -24.82 4.69 25.99
N THR A 98 -25.64 3.89 25.31
CA THR A 98 -27.10 4.10 25.36
C THR A 98 -27.79 3.32 26.48
N LYS A 99 -26.97 2.56 27.23
CA LYS A 99 -27.45 1.67 28.30
C LYS A 99 -28.64 0.89 27.64
N ASN A 100 -29.82 1.05 28.30
CA ASN A 100 -30.96 0.14 28.18
C ASN A 100 -31.55 -0.16 26.77
N LYS A 101 -31.48 0.82 25.87
CA LYS A 101 -32.11 0.68 24.55
C LYS A 101 -31.59 -0.54 23.80
N LEU A 102 -32.51 -1.28 23.22
CA LEU A 102 -32.18 -2.48 22.47
C LEU A 102 -32.48 -2.24 21.00
N TYR A 103 -31.59 -2.70 20.13
CA TYR A 103 -31.71 -2.47 18.69
C TYR A 103 -31.98 -3.77 17.98
N THR A 104 -33.06 -3.83 17.22
CA THR A 104 -33.37 -5.03 16.42
C THR A 104 -33.09 -4.79 14.94
N ASP A 105 -32.93 -3.51 14.59
CA ASP A 105 -32.67 -3.09 13.22
C ASP A 105 -31.16 -2.87 13.05
N PHE A 106 -30.52 -3.70 12.25
CA PHE A 106 -29.06 -3.70 12.12
C PHE A 106 -28.52 -2.53 11.31
N ASP A 107 -29.33 -1.96 10.43
CA ASP A 107 -28.98 -0.70 9.76
C ASP A 107 -28.93 0.44 10.78
N GLU A 108 -29.84 0.40 11.76
CA GLU A 108 -29.84 1.35 12.86
C GLU A 108 -28.64 1.16 13.79
N ILE A 109 -28.19 -0.07 13.98
CA ILE A 109 -26.95 -0.31 14.75
C ILE A 109 -25.78 0.33 14.01
N ARG A 110 -25.73 0.13 12.70
CA ARG A 110 -24.65 0.66 11.86
C ARG A 110 -24.59 2.18 11.95
N GLN A 111 -25.76 2.81 11.76
CA GLN A 111 -25.88 4.26 11.85
C GLN A 111 -25.49 4.79 13.23
N GLU A 112 -25.79 4.02 14.29
CA GLU A 112 -25.38 4.44 15.64
C GLU A 112 -23.86 4.38 15.85
N ILE A 113 -23.20 3.39 15.24
CA ILE A 113 -21.72 3.37 15.24
C ILE A 113 -21.18 4.64 14.59
N GLU A 114 -21.73 5.01 13.43
CA GLU A 114 -21.37 6.27 12.73
C GLU A 114 -21.62 7.50 13.60
N ASN A 115 -22.81 7.58 14.20
CA ASN A 115 -23.15 8.68 15.11
C ASN A 115 -22.17 8.78 16.30
N GLU A 116 -21.97 7.66 17.01
CA GLU A 116 -21.03 7.61 18.14
C GLU A 116 -19.62 8.05 17.74
N THR A 117 -19.20 7.61 16.56
CA THR A 117 -17.89 7.96 16.01
C THR A 117 -17.77 9.48 15.79
N GLU A 118 -18.80 10.08 15.20
CA GLU A 118 -18.81 11.53 15.01
C GLU A 118 -18.82 12.32 16.32
N ARG A 119 -19.57 11.81 17.30
CA ARG A 119 -19.67 12.46 18.61
C ARG A 119 -18.32 12.63 19.30
N ILE A 120 -17.50 11.58 19.31
CA ILE A 120 -16.21 11.61 20.00
C ILE A 120 -15.04 12.02 19.07
N SER A 121 -15.08 11.58 17.81
CA SER A 121 -13.98 11.82 16.89
C SER A 121 -14.18 13.03 16.00
N GLY A 122 -15.37 13.62 16.03
CA GLY A 122 -15.65 14.80 15.25
C GLY A 122 -16.05 14.46 13.83
N ASN A 123 -16.23 15.49 13.00
CA ASN A 123 -16.73 15.31 11.64
C ASN A 123 -15.70 15.59 10.55
N ASN A 124 -14.44 15.70 10.93
CA ASN A 124 -13.39 15.97 9.98
C ASN A 124 -12.17 15.04 10.09
N LYS A 125 -12.43 13.74 10.01
CA LYS A 125 -11.39 12.72 9.81
C LYS A 125 -10.54 12.38 11.03
N GLY A 126 -10.88 12.97 12.17
CA GLY A 126 -10.17 12.72 13.42
C GLY A 126 -10.37 11.31 13.93
N VAL A 127 -9.38 10.80 14.68
CA VAL A 127 -9.37 9.42 15.21
C VAL A 127 -9.25 9.44 16.72
N SER A 128 -10.10 8.69 17.40
CA SER A 128 -10.08 8.59 18.85
C SER A 128 -9.82 7.16 19.33
N PRO A 129 -8.99 7.01 20.38
CA PRO A 129 -8.75 5.70 20.99
C PRO A 129 -9.90 5.22 21.90
N GLU A 130 -10.89 6.07 22.18
CA GLU A 130 -12.03 5.66 23.04
C GLU A 130 -12.90 4.63 22.32
N PRO A 131 -13.00 3.40 22.88
CA PRO A 131 -13.75 2.35 22.19
C PRO A 131 -15.26 2.54 22.25
N ILE A 132 -15.93 2.04 21.21
CA ILE A 132 -17.37 1.85 21.24
C ILE A 132 -17.60 0.41 21.69
N HIS A 133 -18.36 0.23 22.77
CA HIS A 133 -18.73 -1.11 23.23
C HIS A 133 -20.10 -1.45 22.71
N LEU A 134 -20.19 -2.57 22.00
CA LEU A 134 -21.45 -3.05 21.45
C LEU A 134 -21.61 -4.54 21.74
N LYS A 135 -22.79 -4.90 22.22
CA LYS A 135 -23.13 -6.31 22.40
C LYS A 135 -24.15 -6.72 21.36
N ILE A 136 -23.90 -7.87 20.73
CA ILE A 136 -24.86 -8.49 19.82
C ILE A 136 -25.31 -9.81 20.43
N PHE A 137 -26.60 -9.86 20.78
CA PHE A 137 -27.21 -11.02 21.43
C PHE A 137 -27.88 -11.91 20.40
N SER A 138 -27.57 -13.20 20.43
CA SER A 138 -28.14 -14.14 19.46
C SER A 138 -28.10 -15.60 19.97
N PRO A 139 -29.13 -16.40 19.62
CA PRO A 139 -29.02 -17.85 19.79
C PRO A 139 -27.94 -18.43 18.88
N ASN A 140 -27.70 -17.78 17.74
CA ASN A 140 -26.83 -18.30 16.68
C ASN A 140 -25.39 -17.81 16.71
N VAL A 141 -24.93 -17.29 17.84
CA VAL A 141 -23.53 -16.87 17.97
C VAL A 141 -22.90 -17.51 19.21
N VAL A 142 -21.59 -17.60 19.21
CA VAL A 142 -20.84 -18.02 20.38
C VAL A 142 -20.35 -16.79 21.15
N ASN A 143 -19.98 -16.98 22.42
CA ASN A 143 -19.37 -15.92 23.21
C ASN A 143 -17.98 -15.55 22.68
N LEU A 144 -17.88 -14.40 22.01
CA LEU A 144 -16.68 -14.03 21.28
C LEU A 144 -16.62 -12.53 21.06
N THR A 145 -15.43 -11.96 21.25
CA THR A 145 -15.20 -10.53 21.06
C THR A 145 -14.43 -10.27 19.77
N LEU A 146 -15.01 -9.42 18.92
CA LEU A 146 -14.37 -9.00 17.69
C LEU A 146 -14.04 -7.52 17.82
N VAL A 147 -12.84 -7.15 17.40
CA VAL A 147 -12.36 -5.80 17.59
C VAL A 147 -12.03 -5.15 16.24
N ASP A 148 -12.75 -4.08 15.89
CA ASP A 148 -12.50 -3.35 14.63
C ASP A 148 -11.64 -2.14 14.97
N LEU A 149 -10.63 -1.86 14.15
CA LEU A 149 -9.70 -0.77 14.45
C LEU A 149 -9.43 0.16 13.26
N PRO A 150 -9.13 1.45 13.54
CA PRO A 150 -8.66 2.31 12.45
C PRO A 150 -7.44 1.69 11.77
N GLY A 151 -7.37 1.84 10.46
CA GLY A 151 -6.26 1.32 9.68
C GLY A 151 -5.09 2.28 9.69
N MET A 152 -3.91 1.73 9.45
CA MET A 152 -2.68 2.50 9.43
C MET A 152 -2.62 3.49 8.27
N THR A 153 -1.96 4.61 8.52
CA THR A 153 -1.91 5.68 7.55
C THR A 153 -0.53 6.33 7.52
N LYS A 154 -0.32 7.30 6.62
CA LYS A 154 0.99 7.92 6.41
C LYS A 154 0.97 9.44 6.46
N VAL A 155 -0.09 10.05 5.95
CA VAL A 155 -0.16 11.51 5.84
C VAL A 155 -1.44 12.02 6.53
N PRO A 156 -1.29 12.93 7.51
CA PRO A 156 -2.43 13.48 8.25
C PRO A 156 -3.43 14.20 7.32
N VAL A 157 -4.72 13.96 7.53
CA VAL A 157 -5.76 14.68 6.77
C VAL A 157 -6.78 15.31 7.72
N GLY A 158 -7.47 16.34 7.25
CA GLY A 158 -8.48 17.03 8.06
C GLY A 158 -7.95 17.42 9.42
N ASP A 159 -8.65 16.97 10.47
CA ASP A 159 -8.34 17.32 11.87
C ASP A 159 -7.16 16.59 12.48
N GLN A 160 -6.66 15.57 11.79
CA GLN A 160 -5.62 14.71 12.36
C GLN A 160 -4.34 15.49 12.69
N PRO A 161 -3.77 15.22 13.87
CA PRO A 161 -2.50 15.83 14.29
C PRO A 161 -1.32 15.26 13.48
N LYS A 162 -0.14 15.89 13.64
CA LYS A 162 1.07 15.53 12.89
C LYS A 162 1.49 14.07 13.12
N ASP A 163 1.20 13.57 14.32
CA ASP A 163 1.66 12.24 14.72
C ASP A 163 0.53 11.19 14.67
N ILE A 164 -0.45 11.42 13.81
CA ILE A 164 -1.60 10.52 13.67
C ILE A 164 -1.18 9.08 13.37
N GLU A 165 -0.15 8.90 12.54
CA GLU A 165 0.30 7.54 12.20
C GLU A 165 0.69 6.75 13.44
N LEU A 166 1.54 7.36 14.27
CA LEU A 166 1.98 6.78 15.53
C LEU A 166 0.81 6.55 16.49
N GLN A 167 -0.14 7.48 16.54
CA GLN A 167 -1.32 7.31 17.42
C GLN A 167 -2.15 6.09 17.02
N ILE A 168 -2.35 5.91 15.73
CA ILE A 168 -3.12 4.77 15.23
C ILE A 168 -2.34 3.49 15.48
N ARG A 169 -1.04 3.52 15.17
CA ARG A 169 -0.22 2.33 15.33
C ARG A 169 -0.15 1.84 16.78
N GLU A 170 -0.04 2.76 17.72
CA GLU A 170 0.05 2.39 19.14
C GLU A 170 -1.32 1.96 19.68
N LEU A 171 -2.38 2.56 19.15
CA LEU A 171 -3.74 2.07 19.42
C LEU A 171 -3.88 0.60 19.04
N ILE A 172 -3.34 0.25 17.87
CA ILE A 172 -3.39 -1.13 17.40
C ILE A 172 -2.57 -2.04 18.32
N LEU A 173 -1.35 -1.59 18.64
CA LEU A 173 -0.46 -2.34 19.52
C LEU A 173 -1.11 -2.58 20.88
N ARG A 174 -1.89 -1.62 21.34
CA ARG A 174 -2.59 -1.74 22.62
C ARG A 174 -3.52 -2.96 22.61
N PHE A 175 -4.12 -3.25 21.45
CA PHE A 175 -5.00 -4.39 21.34
C PHE A 175 -4.29 -5.71 21.03
N ILE A 176 -3.42 -5.73 20.02
CA ILE A 176 -2.79 -6.98 19.59
C ILE A 176 -1.59 -7.43 20.44
N SER A 177 -1.11 -6.55 21.33
CA SER A 177 -0.08 -6.92 22.31
C SER A 177 -0.61 -7.89 23.36
N ASN A 178 -1.92 -7.88 23.57
CA ASN A 178 -2.64 -8.86 24.39
C ASN A 178 -2.32 -10.28 23.88
N PRO A 179 -1.65 -11.10 24.72
CA PRO A 179 -1.34 -12.47 24.30
C PRO A 179 -2.60 -13.32 24.09
N ASN A 180 -3.72 -12.93 24.68
CA ASN A 180 -5.01 -13.60 24.43
C ASN A 180 -5.80 -12.91 23.30
N SER A 181 -5.12 -12.66 22.19
CA SER A 181 -5.78 -12.17 20.99
C SER A 181 -5.34 -12.93 19.74
N ILE A 182 -6.26 -13.13 18.81
CA ILE A 182 -5.93 -13.64 17.49
C ILE A 182 -5.96 -12.46 16.54
N ILE A 183 -4.91 -12.36 15.72
CA ILE A 183 -4.75 -11.24 14.81
C ILE A 183 -5.15 -11.63 13.40
N LEU A 184 -6.16 -10.94 12.86
CA LEU A 184 -6.48 -11.09 11.45
C LEU A 184 -5.67 -10.02 10.71
N ALA A 185 -4.57 -10.44 10.10
CA ALA A 185 -3.65 -9.58 9.39
C ALA A 185 -4.12 -9.39 7.95
N VAL A 186 -4.72 -8.24 7.69
CA VAL A 186 -5.39 -7.98 6.40
C VAL A 186 -4.53 -7.22 5.43
N THR A 187 -4.33 -7.80 4.24
CA THR A 187 -3.61 -7.16 3.14
C THR A 187 -4.47 -7.24 1.87
N ALA A 188 -4.59 -6.11 1.17
CA ALA A 188 -5.30 -6.07 -0.10
C ALA A 188 -4.49 -6.78 -1.18
N ALA A 189 -5.15 -7.60 -1.99
CA ALA A 189 -4.50 -8.32 -3.09
C ALA A 189 -3.92 -7.40 -4.18
N ASN A 190 -4.46 -6.19 -4.30
CA ASN A 190 -4.00 -5.27 -5.33
C ASN A 190 -2.80 -4.44 -4.82
N THR A 191 -2.18 -4.93 -3.75
CA THR A 191 -0.88 -4.40 -3.29
C THR A 191 0.10 -5.57 -3.19
N ASP A 192 1.39 -5.31 -3.30
CA ASP A 192 2.39 -6.35 -3.14
C ASP A 192 2.38 -6.88 -1.70
N MET A 193 2.34 -8.20 -1.54
CA MET A 193 2.33 -8.80 -0.20
C MET A 193 3.47 -8.34 0.72
N ALA A 194 4.66 -8.15 0.15
CA ALA A 194 5.81 -7.66 0.92
C ALA A 194 5.58 -6.28 1.53
N THR A 195 4.63 -5.51 0.99
CA THR A 195 4.31 -4.18 1.53
C THR A 195 3.25 -4.24 2.66
N SER A 196 2.88 -5.45 3.10
CA SER A 196 1.86 -5.60 4.13
C SER A 196 2.23 -4.99 5.49
N GLU A 197 1.57 -3.88 5.82
CA GLU A 197 1.71 -3.29 7.13
C GLU A 197 1.11 -4.18 8.22
N ALA A 198 0.05 -4.94 7.89
CA ALA A 198 -0.57 -5.87 8.84
C ALA A 198 0.41 -6.96 9.27
N LEU A 199 1.08 -7.56 8.30
CA LEU A 199 2.02 -8.62 8.65
C LEU A 199 3.26 -8.07 9.38
N LYS A 200 3.77 -6.91 8.95
CA LYS A 200 4.87 -6.26 9.70
C LYS A 200 4.52 -6.07 11.18
N ILE A 201 3.38 -5.44 11.46
CA ILE A 201 2.99 -5.18 12.86
C ILE A 201 2.69 -6.47 13.65
N SER A 202 2.08 -7.45 12.99
CA SER A 202 1.77 -8.74 13.60
C SER A 202 3.05 -9.46 14.05
N ARG A 203 4.08 -9.38 13.20
CA ARG A 203 5.36 -10.02 13.50
C ARG A 203 6.09 -9.37 14.66
N GLU A 204 5.76 -8.11 14.95
CA GLU A 204 6.28 -7.40 16.12
C GLU A 204 5.78 -7.95 17.46
N VAL A 205 4.49 -8.29 17.54
CA VAL A 205 3.90 -8.79 18.79
C VAL A 205 3.79 -10.31 18.83
N ASP A 206 3.83 -10.94 17.66
CA ASP A 206 3.69 -12.38 17.51
C ASP A 206 4.78 -12.90 16.57
N PRO A 207 6.05 -12.88 17.01
CA PRO A 207 7.14 -13.15 16.09
C PRO A 207 7.19 -14.59 15.54
N ASP A 208 6.70 -15.58 16.30
CA ASP A 208 6.69 -16.95 15.78
C ASP A 208 5.38 -17.36 15.09
N GLY A 209 4.48 -16.38 14.90
CA GLY A 209 3.22 -16.60 14.17
C GLY A 209 2.23 -17.59 14.78
N ARG A 210 2.23 -17.68 16.11
CA ARG A 210 1.35 -18.60 16.83
C ARG A 210 -0.11 -18.13 16.86
N ARG A 211 -0.35 -16.86 16.54
CA ARG A 211 -1.71 -16.28 16.65
C ARG A 211 -2.04 -15.25 15.55
N THR A 212 -1.40 -15.40 14.39
CA THR A 212 -1.61 -14.49 13.27
C THR A 212 -2.16 -15.26 12.10
N LEU A 213 -3.31 -14.80 11.60
CA LEU A 213 -3.91 -15.37 10.39
C LEU A 213 -3.96 -14.32 9.29
N ALA A 214 -3.40 -14.64 8.13
CA ALA A 214 -3.31 -13.69 7.03
C ALA A 214 -4.55 -13.78 6.18
N VAL A 215 -5.18 -12.65 5.93
CA VAL A 215 -6.31 -12.53 5.03
C VAL A 215 -5.91 -11.63 3.85
N ILE A 216 -6.14 -12.12 2.63
CA ILE A 216 -5.89 -11.35 1.42
C ILE A 216 -7.25 -10.96 0.84
N THR A 217 -7.57 -9.66 0.87
CA THR A 217 -8.87 -9.17 0.37
C THR A 217 -8.76 -8.70 -1.09
N LYS A 218 -9.88 -8.32 -1.70
CA LYS A 218 -9.85 -7.66 -3.01
C LYS A 218 -9.18 -8.45 -4.14
N LEU A 219 -9.25 -9.78 -4.06
CA LEU A 219 -8.73 -10.64 -5.16
C LEU A 219 -9.29 -10.22 -6.52
N ASP A 220 -10.55 -9.79 -6.54
CA ASP A 220 -11.21 -9.38 -7.78
C ASP A 220 -10.66 -8.09 -8.40
N LEU A 221 -9.87 -7.33 -7.62
CA LEU A 221 -9.35 -6.03 -8.09
C LEU A 221 -7.92 -6.08 -8.63
N MET A 222 -7.36 -7.28 -8.68
CA MET A 222 -6.01 -7.45 -9.18
C MET A 222 -5.95 -7.10 -10.67
N ASP A 223 -4.86 -6.41 -11.03
CA ASP A 223 -4.54 -6.10 -12.42
C ASP A 223 -4.62 -7.33 -13.34
N ALA A 224 -5.22 -7.15 -14.52
CA ALA A 224 -5.26 -8.18 -15.55
C ALA A 224 -3.85 -8.67 -15.87
N GLY A 225 -3.71 -9.99 -16.00
CA GLY A 225 -2.40 -10.61 -16.22
C GLY A 225 -1.63 -10.91 -14.95
N THR A 226 -2.26 -10.67 -13.80
CA THR A 226 -1.68 -11.01 -12.50
C THR A 226 -2.69 -11.81 -11.68
N ASP A 227 -2.19 -12.55 -10.68
CA ASP A 227 -3.04 -13.21 -9.72
C ASP A 227 -2.29 -13.46 -8.43
N ALA A 228 -3.02 -13.86 -7.39
CA ALA A 228 -2.44 -14.07 -6.08
C ALA A 228 -2.02 -15.54 -5.81
N MET A 229 -1.75 -16.31 -6.87
CA MET A 229 -1.40 -17.73 -6.70
C MET A 229 -0.18 -17.94 -5.79
N ASP A 230 0.91 -17.23 -6.07
CA ASP A 230 2.14 -17.32 -5.28
C ASP A 230 1.92 -16.90 -3.83
N VAL A 231 1.16 -15.83 -3.64
CA VAL A 231 0.81 -15.34 -2.31
C VAL A 231 0.00 -16.40 -1.54
N LEU A 232 -1.04 -16.94 -2.16
CA LEU A 232 -1.97 -17.86 -1.50
C LEU A 232 -1.35 -19.24 -1.23
N MET A 233 -0.31 -19.60 -1.98
CA MET A 233 0.42 -20.84 -1.77
C MET A 233 1.60 -20.70 -0.81
N GLY A 234 1.74 -19.51 -0.21
CA GLY A 234 2.79 -19.25 0.77
C GLY A 234 4.18 -19.07 0.17
N ARG A 235 4.23 -18.74 -1.12
CA ARG A 235 5.50 -18.60 -1.84
C ARG A 235 6.10 -17.19 -1.79
N VAL A 236 5.38 -16.24 -1.17
CA VAL A 236 5.90 -14.88 -1.01
C VAL A 236 6.33 -14.64 0.44
N ILE A 237 5.36 -14.50 1.34
CA ILE A 237 5.63 -14.50 2.78
C ILE A 237 4.94 -15.73 3.36
N PRO A 238 5.71 -16.63 3.99
CA PRO A 238 5.01 -17.75 4.64
C PRO A 238 4.30 -17.27 5.89
N VAL A 239 3.07 -17.74 6.08
CA VAL A 239 2.33 -17.48 7.30
C VAL A 239 1.87 -18.83 7.84
N LYS A 240 2.42 -19.21 8.99
CA LYS A 240 2.19 -20.54 9.59
C LYS A 240 0.72 -20.96 9.64
N LEU A 241 -0.13 -20.15 10.24
CA LEU A 241 -1.53 -20.52 10.47
C LEU A 241 -2.42 -20.47 9.23
N GLY A 242 -1.91 -19.86 8.15
CA GLY A 242 -2.65 -19.83 6.89
C GLY A 242 -2.71 -18.45 6.25
N ILE A 243 -2.88 -18.45 4.93
CA ILE A 243 -3.12 -17.25 4.13
C ILE A 243 -4.41 -17.52 3.38
N ILE A 244 -5.45 -16.75 3.69
CA ILE A 244 -6.78 -17.03 3.13
C ILE A 244 -7.31 -15.86 2.30
N GLY A 245 -7.63 -16.14 1.03
CA GLY A 245 -8.14 -15.11 0.13
C GLY A 245 -9.65 -14.99 0.19
N VAL A 246 -10.17 -13.77 0.14
CA VAL A 246 -11.61 -13.52 0.20
C VAL A 246 -11.99 -12.44 -0.82
N VAL A 247 -13.26 -12.45 -1.20
CA VAL A 247 -13.81 -11.39 -2.05
C VAL A 247 -15.06 -10.80 -1.39
N ASN A 248 -14.94 -9.57 -0.92
CA ASN A 248 -16.07 -8.91 -0.31
C ASN A 248 -16.70 -7.92 -1.29
N ARG A 249 -17.79 -7.28 -0.86
CA ARG A 249 -18.55 -6.38 -1.71
C ARG A 249 -17.77 -5.10 -2.08
N SER A 250 -17.82 -4.78 -3.37
CA SER A 250 -17.30 -3.53 -3.90
C SER A 250 -18.08 -2.34 -3.36
N GLN A 251 -17.57 -1.13 -3.60
CA GLN A 251 -18.31 0.07 -3.19
C GLN A 251 -19.64 0.17 -3.95
N LEU A 252 -19.60 -0.16 -5.23
CA LEU A 252 -20.82 -0.28 -6.04
C LEU A 252 -21.85 -1.21 -5.37
N ASP A 253 -21.39 -2.38 -4.91
CA ASP A 253 -22.27 -3.40 -4.28
C ASP A 253 -22.89 -2.88 -2.98
N ILE A 254 -22.08 -2.19 -2.19
CA ILE A 254 -22.56 -1.51 -0.98
C ILE A 254 -23.62 -0.47 -1.33
N ASN A 255 -23.31 0.41 -2.29
CA ASN A 255 -24.26 1.44 -2.71
C ASN A 255 -25.56 0.81 -3.18
N ASN A 256 -25.47 -0.36 -3.81
CA ASN A 256 -26.62 -1.05 -4.38
C ASN A 256 -27.27 -2.02 -3.38
N LYS A 257 -26.75 -2.04 -2.15
CA LYS A 257 -27.28 -2.84 -1.06
C LYS A 257 -27.26 -4.36 -1.32
N LYS A 258 -26.25 -4.83 -2.05
CA LYS A 258 -26.05 -6.26 -2.31
C LYS A 258 -25.96 -7.04 -1.00
N SER A 259 -26.68 -8.15 -0.92
CA SER A 259 -26.78 -8.92 0.32
C SER A 259 -25.53 -9.77 0.58
N VAL A 260 -25.37 -10.19 1.84
CA VAL A 260 -24.34 -11.15 2.24
C VAL A 260 -24.43 -12.45 1.43
N THR A 261 -25.64 -13.00 1.31
CA THR A 261 -25.87 -14.23 0.53
C THR A 261 -25.30 -14.11 -0.89
N ASP A 262 -25.57 -12.99 -1.56
CA ASP A 262 -25.08 -12.79 -2.93
C ASP A 262 -23.56 -12.59 -2.98
N SER A 263 -23.02 -11.87 -1.99
CA SER A 263 -21.57 -11.67 -1.91
C SER A 263 -20.83 -13.03 -1.83
N ILE A 264 -21.29 -13.89 -0.92
CA ILE A 264 -20.68 -15.21 -0.68
C ILE A 264 -20.79 -16.12 -1.91
N ARG A 265 -21.95 -16.11 -2.56
CA ARG A 265 -22.16 -16.86 -3.81
C ARG A 265 -21.17 -16.43 -4.87
N ASP A 266 -21.03 -15.11 -5.07
CA ASP A 266 -20.12 -14.60 -6.06
C ASP A 266 -18.65 -14.83 -5.70
N GLU A 267 -18.34 -14.80 -4.41
CA GLU A 267 -17.00 -15.10 -3.95
C GLU A 267 -16.64 -16.54 -4.29
N TYR A 268 -17.54 -17.47 -3.95
CA TYR A 268 -17.38 -18.87 -4.29
C TYR A 268 -17.14 -19.04 -5.79
N ALA A 269 -17.97 -18.40 -6.61
CA ALA A 269 -17.87 -18.49 -8.06
C ALA A 269 -16.54 -17.92 -8.58
N PHE A 270 -16.11 -16.79 -8.02
CA PHE A 270 -14.85 -16.17 -8.42
C PHE A 270 -13.69 -17.13 -8.12
N LEU A 271 -13.68 -17.71 -6.93
CA LEU A 271 -12.60 -18.66 -6.56
C LEU A 271 -12.61 -19.94 -7.43
N GLN A 272 -13.79 -20.49 -7.71
CA GLN A 272 -13.87 -21.61 -8.65
C GLN A 272 -13.27 -21.27 -10.01
N LYS A 273 -13.55 -20.06 -10.49
CA LYS A 273 -13.14 -19.65 -11.83
C LYS A 273 -11.65 -19.27 -11.91
N LYS A 274 -11.20 -18.47 -10.95
CA LYS A 274 -9.83 -17.95 -11.00
C LYS A 274 -8.81 -18.73 -10.16
N TYR A 275 -9.27 -19.48 -9.17
CA TYR A 275 -8.36 -20.24 -8.30
C TYR A 275 -8.87 -21.67 -8.05
N PRO A 276 -9.26 -22.40 -9.12
CA PRO A 276 -9.90 -23.72 -8.93
C PRO A 276 -9.09 -24.69 -8.08
N SER A 277 -7.77 -24.70 -8.22
CA SER A 277 -6.93 -25.63 -7.45
C SER A 277 -6.84 -25.26 -5.97
N LEU A 278 -7.11 -24.01 -5.63
CA LEU A 278 -7.01 -23.57 -4.24
C LEU A 278 -8.34 -23.17 -3.61
N ALA A 279 -9.41 -23.29 -4.38
CA ALA A 279 -10.73 -22.76 -3.98
C ALA A 279 -11.27 -23.33 -2.67
N ASN A 280 -11.01 -24.62 -2.43
CA ASN A 280 -11.39 -25.30 -1.18
C ASN A 280 -10.71 -24.78 0.08
N ARG A 281 -9.57 -24.09 -0.07
CA ARG A 281 -8.81 -23.57 1.08
C ARG A 281 -8.84 -22.03 1.12
N ASN A 282 -9.87 -21.44 0.51
CA ASN A 282 -10.03 -19.98 0.48
C ASN A 282 -11.50 -19.60 0.58
N GLY A 283 -11.75 -18.32 0.78
CA GLY A 283 -13.12 -17.83 0.89
C GLY A 283 -13.53 -17.65 2.34
N THR A 284 -14.65 -16.99 2.53
CA THR A 284 -15.09 -16.56 3.86
C THR A 284 -15.47 -17.76 4.74
N LYS A 285 -16.13 -18.76 4.17
CA LYS A 285 -16.46 -19.97 4.91
C LYS A 285 -15.22 -20.65 5.48
N TYR A 286 -14.17 -20.76 4.65
CA TYR A 286 -12.89 -21.35 5.09
C TYR A 286 -12.15 -20.51 6.14
N LEU A 287 -12.24 -19.19 6.02
CA LEU A 287 -11.72 -18.29 7.05
C LEU A 287 -12.36 -18.60 8.41
N ALA A 288 -13.68 -18.70 8.42
CA ALA A 288 -14.43 -18.99 9.66
C ALA A 288 -14.04 -20.34 10.28
N ARG A 289 -13.89 -21.36 9.43
CA ARG A 289 -13.50 -22.72 9.86
C ARG A 289 -12.10 -22.73 10.43
N THR A 290 -11.19 -22.01 9.76
CA THR A 290 -9.81 -21.87 10.21
C THR A 290 -9.78 -21.17 11.57
N LEU A 291 -10.57 -20.11 11.73
CA LEU A 291 -10.66 -19.42 13.01
C LEU A 291 -11.24 -20.31 14.13
N ASN A 292 -12.30 -21.07 13.81
CA ASN A 292 -12.88 -22.01 14.76
C ASN A 292 -11.85 -23.03 15.26
N ARG A 293 -11.05 -23.56 14.33
CA ARG A 293 -9.98 -24.49 14.65
C ARG A 293 -8.95 -23.85 15.60
N LEU A 294 -8.62 -22.58 15.37
CA LEU A 294 -7.72 -21.86 16.26
C LEU A 294 -8.34 -21.67 17.65
N LEU A 295 -9.62 -21.33 17.67
CA LEU A 295 -10.34 -21.13 18.92
C LEU A 295 -10.42 -22.45 19.72
N MET A 296 -10.59 -23.55 19.00
CA MET A 296 -10.66 -24.89 19.59
C MET A 296 -9.34 -25.23 20.29
N HIS A 297 -8.23 -24.81 19.68
CA HIS A 297 -6.89 -24.96 20.25
C HIS A 297 -6.85 -24.32 21.64
N HIS A 298 -7.26 -23.06 21.74
CA HIS A 298 -7.38 -22.37 23.04
C HIS A 298 -8.26 -23.10 24.04
N ILE A 299 -9.40 -23.61 23.56
CA ILE A 299 -10.31 -24.37 24.43
C ILE A 299 -9.57 -25.59 25.03
N ARG A 300 -8.90 -26.36 24.18
CA ARG A 300 -8.19 -27.57 24.64
C ARG A 300 -7.11 -27.27 25.69
N ASP A 301 -6.56 -26.05 25.64
CA ASP A 301 -5.53 -25.61 26.58
C ASP A 301 -6.04 -25.20 27.95
N CYS A 302 -7.34 -24.95 28.07
CA CYS A 302 -7.97 -24.69 29.38
C CYS A 302 -8.36 -25.99 30.08
N LEU A 303 -8.40 -27.08 29.32
CA LEU A 303 -8.95 -28.35 29.81
C LEU A 303 -8.12 -29.02 30.93
N PRO A 304 -6.78 -29.01 30.83
CA PRO A 304 -6.00 -29.60 31.93
C PRO A 304 -6.28 -28.98 33.31
N GLU A 305 -6.41 -27.64 33.34
CA GLU A 305 -6.83 -26.90 34.53
C GLU A 305 -8.15 -27.43 35.08
N LEU A 306 -9.18 -27.44 34.22
CA LEU A 306 -10.51 -27.96 34.57
C LEU A 306 -10.48 -29.38 35.09
N LYS A 307 -9.67 -30.22 34.45
CA LYS A 307 -9.51 -31.62 34.81
C LYS A 307 -9.00 -31.80 36.24
N THR A 308 -7.97 -31.04 36.60
CA THR A 308 -7.36 -31.15 37.93
C THR A 308 -8.34 -30.70 39.02
N ARG A 309 -9.14 -29.67 38.71
CA ARG A 309 -10.19 -29.17 39.61
C ARG A 309 -11.32 -30.18 39.85
N ILE A 310 -11.67 -30.95 38.82
CA ILE A 310 -12.69 -32.00 38.95
C ILE A 310 -12.20 -33.09 39.91
N ASN A 311 -10.93 -33.46 39.79
CA ASN A 311 -10.33 -34.48 40.67
C ASN A 311 -10.30 -34.05 42.14
N VAL A 312 -9.99 -32.77 42.37
CA VAL A 312 -9.95 -32.22 43.72
C VAL A 312 -11.34 -32.29 44.38
N LEU A 313 -12.37 -31.87 43.64
CA LEU A 313 -13.75 -31.93 44.11
C LEU A 313 -14.27 -33.36 44.25
N ALA A 314 -13.76 -34.27 43.42
CA ALA A 314 -14.17 -35.68 43.44
C ALA A 314 -13.82 -36.37 44.76
N ALA A 315 -12.56 -36.27 45.18
CA ALA A 315 -12.11 -36.83 46.46
C ALA A 315 -12.73 -36.08 47.65
N GLN A 316 -13.00 -34.79 47.44
CA GLN A 316 -13.66 -33.92 48.41
C GLN A 316 -15.11 -34.37 48.67
N TYR A 317 -15.77 -34.85 47.62
CA TYR A 317 -17.13 -35.37 47.72
C TYR A 317 -17.16 -36.86 48.10
N GLN A 318 -16.17 -37.62 47.61
CA GLN A 318 -16.11 -39.06 47.82
C GLN A 318 -15.83 -39.44 49.27
N SER A 319 -14.85 -38.78 49.89
CA SER A 319 -14.47 -39.05 51.28
C SER A 319 -15.59 -38.67 52.26
N LEU A 320 -16.32 -37.61 51.91
CA LEU A 320 -17.53 -37.21 52.65
C LEU A 320 -18.61 -38.31 52.51
N LEU A 321 -18.53 -39.32 53.36
CA LEU A 321 -19.44 -40.46 53.34
C LEU A 321 -19.79 -40.98 54.73
N ASN A 322 -20.93 -41.66 54.84
CA ASN A 322 -21.35 -42.32 56.08
C ASN A 322 -22.14 -43.61 55.78
N SER A 323 -21.40 -44.71 55.60
CA SER A 323 -21.96 -46.03 55.25
C SER A 323 -22.87 -46.01 54.02
N ARG A 337 -28.62 -34.78 51.63
CA ARG A 337 -27.20 -34.80 51.96
C ARG A 337 -26.52 -36.11 51.54
N ARG A 338 -26.95 -37.23 52.13
CA ARG A 338 -26.33 -38.54 51.86
C ARG A 338 -26.66 -39.10 50.47
N LYS A 339 -27.33 -38.28 49.66
CA LYS A 339 -27.70 -38.65 48.29
C LYS A 339 -27.39 -37.52 47.29
N GLU A 340 -27.27 -36.29 47.81
CA GLU A 340 -26.81 -35.16 47.00
C GLU A 340 -25.33 -35.30 46.63
N ALA A 341 -24.51 -35.66 47.62
CA ALA A 341 -23.08 -35.93 47.40
C ALA A 341 -22.89 -37.15 46.50
N ALA A 342 -23.89 -38.03 46.48
CA ALA A 342 -23.89 -39.21 45.61
C ALA A 342 -24.16 -38.85 44.15
N ASP A 343 -25.04 -37.87 43.92
CA ASP A 343 -25.39 -37.47 42.55
C ASP A 343 -24.51 -36.34 41.98
N MET A 344 -23.86 -35.58 42.87
CA MET A 344 -22.90 -34.56 42.43
C MET A 344 -21.51 -35.16 42.18
N LEU A 345 -21.30 -36.39 42.66
CA LEU A 345 -20.14 -37.18 42.27
C LEU A 345 -20.34 -37.70 40.85
N LYS A 346 -21.59 -38.00 40.50
CA LYS A 346 -21.95 -38.47 39.17
C LYS A 346 -21.94 -37.32 38.16
N ALA A 347 -22.17 -36.10 38.64
CA ALA A 347 -22.08 -34.89 37.82
C ALA A 347 -20.63 -34.48 37.57
N LEU A 348 -19.72 -34.94 38.44
CA LEU A 348 -18.29 -34.76 38.26
C LEU A 348 -17.75 -35.77 37.24
N GLN A 349 -18.21 -37.02 37.35
CA GLN A 349 -17.94 -38.06 36.35
C GLN A 349 -18.40 -37.64 34.96
N GLY A 350 -19.60 -37.06 34.88
CA GLY A 350 -20.14 -36.50 33.65
C GLY A 350 -19.27 -35.39 33.07
N ALA A 351 -18.74 -34.54 33.95
CA ALA A 351 -17.87 -33.42 33.55
C ALA A 351 -16.54 -33.89 32.96
N SER A 352 -15.95 -34.94 33.53
CA SER A 352 -14.69 -35.50 33.00
C SER A 352 -14.91 -36.04 31.60
N GLN A 353 -16.03 -36.72 31.39
CA GLN A 353 -16.32 -37.28 30.08
C GLN A 353 -16.63 -36.19 29.03
N ILE A 354 -17.32 -35.14 29.44
CA ILE A 354 -17.54 -33.98 28.57
C ILE A 354 -16.20 -33.35 28.14
N ILE A 355 -15.28 -33.17 29.09
CA ILE A 355 -13.92 -32.75 28.78
C ILE A 355 -13.27 -33.66 27.69
N ALA A 356 -13.35 -34.97 27.87
CA ALA A 356 -12.85 -35.91 26.87
C ALA A 356 -13.52 -35.70 25.52
N GLU A 357 -14.85 -35.49 25.53
CA GLU A 357 -15.60 -35.24 24.29
C GLU A 357 -15.10 -33.99 23.54
N ILE A 358 -14.93 -32.89 24.27
CA ILE A 358 -14.44 -31.65 23.70
C ILE A 358 -13.09 -31.91 22.99
N ARG A 359 -12.18 -32.60 23.68
CA ARG A 359 -10.87 -32.96 23.10
C ARG A 359 -10.96 -33.77 21.81
N GLU A 360 -12.03 -34.54 21.68
CA GLU A 360 -12.20 -35.45 20.56
C GLU A 360 -13.02 -34.87 19.40
N THR A 361 -13.58 -33.68 19.60
CA THR A 361 -14.53 -33.10 18.66
C THR A 361 -13.83 -32.55 17.41
N HIS A 362 -14.32 -32.95 16.24
CA HIS A 362 -13.85 -32.42 14.97
C HIS A 362 -14.77 -31.30 14.49
N LEU A 363 -14.17 -30.23 13.99
CA LEU A 363 -14.92 -29.04 13.60
C LEU A 363 -14.96 -28.74 12.10
N TRP A 364 -16.14 -28.30 11.66
CA TRP A 364 -16.33 -27.71 10.34
C TRP A 364 -16.93 -26.32 10.47
N GLY B 1 9.23 11.40 -27.76
CA GLY B 1 8.64 11.33 -26.39
C GLY B 1 7.95 12.62 -26.07
N PRO B 2 7.34 12.72 -24.87
CA PRO B 2 6.52 13.85 -24.48
C PRO B 2 7.31 15.02 -23.89
N MET B 3 8.63 14.88 -23.77
CA MET B 3 9.48 15.93 -23.20
C MET B 3 10.53 16.51 -24.17
N GLU B 4 10.07 16.85 -25.37
CA GLU B 4 10.96 17.46 -26.36
C GLU B 4 10.91 18.98 -26.34
N ALA B 5 9.91 19.55 -25.68
CA ALA B 5 9.68 20.99 -25.74
C ALA B 5 10.89 21.87 -25.40
N LEU B 6 11.72 21.44 -24.45
CA LEU B 6 12.90 22.22 -24.03
C LEU B 6 14.13 22.12 -24.94
N ILE B 7 14.08 21.25 -25.95
CA ILE B 7 15.25 21.07 -26.83
C ILE B 7 15.82 22.38 -27.40
N PRO B 8 14.98 23.24 -28.00
CA PRO B 8 15.55 24.46 -28.57
C PRO B 8 16.14 25.39 -27.51
N VAL B 9 15.60 25.35 -26.30
CA VAL B 9 16.12 26.16 -25.20
C VAL B 9 17.49 25.65 -24.74
N ILE B 10 17.60 24.34 -24.56
CA ILE B 10 18.88 23.76 -24.14
C ILE B 10 19.93 23.76 -25.27
N ASN B 11 19.50 23.78 -26.52
CA ASN B 11 20.46 24.04 -27.61
C ASN B 11 21.09 25.44 -27.49
N LYS B 12 20.26 26.43 -27.17
CA LYS B 12 20.75 27.78 -26.93
C LYS B 12 21.67 27.86 -25.70
N LEU B 13 21.27 27.18 -24.63
CA LEU B 13 22.13 27.01 -23.47
C LEU B 13 23.48 26.40 -23.83
N GLN B 14 23.46 25.36 -24.67
CA GLN B 14 24.69 24.69 -25.10
C GLN B 14 25.63 25.62 -25.86
N ASP B 15 25.07 26.47 -26.71
CA ASP B 15 25.82 27.54 -27.36
C ASP B 15 26.57 28.39 -26.35
N VAL B 16 25.86 28.83 -25.31
CA VAL B 16 26.46 29.63 -24.25
C VAL B 16 27.54 28.84 -23.48
N PHE B 17 27.21 27.60 -23.08
CA PHE B 17 28.14 26.73 -22.36
C PHE B 17 29.43 26.48 -23.14
N ASN B 18 29.30 26.34 -24.45
CA ASN B 18 30.47 26.11 -25.31
C ASN B 18 31.41 27.31 -25.30
N THR B 19 30.83 28.52 -25.30
CA THR B 19 31.58 29.77 -25.27
C THR B 19 32.23 29.99 -23.90
N VAL B 20 31.44 29.76 -22.85
CA VAL B 20 31.86 30.00 -21.49
C VAL B 20 32.85 28.93 -21.00
N GLY B 21 32.78 27.76 -21.61
CA GLY B 21 33.67 26.64 -21.27
C GLY B 21 33.25 25.90 -20.01
N ALA B 22 31.94 25.84 -19.77
CA ALA B 22 31.39 25.19 -18.58
C ALA B 22 29.88 25.01 -18.73
N ASP B 23 29.37 23.85 -18.33
CA ASP B 23 27.94 23.55 -18.36
C ASP B 23 27.29 24.09 -17.08
N ILE B 24 27.25 25.41 -16.97
CA ILE B 24 26.90 26.13 -15.73
C ILE B 24 25.53 25.83 -15.13
N ILE B 25 24.52 25.64 -15.97
CA ILE B 25 23.20 25.29 -15.48
C ILE B 25 22.96 23.78 -15.60
N GLN B 26 22.71 23.15 -14.47
CA GLN B 26 22.37 21.73 -14.42
C GLN B 26 20.91 21.60 -14.04
N LEU B 27 20.12 20.93 -14.89
CA LEU B 27 18.72 20.70 -14.56
C LEU B 27 18.59 19.82 -13.30
N PRO B 28 17.54 20.05 -12.50
CA PRO B 28 17.33 19.12 -11.37
C PRO B 28 17.19 17.69 -11.87
N GLN B 29 17.64 16.74 -11.08
CA GLN B 29 17.39 15.32 -11.32
C GLN B 29 15.92 15.04 -11.05
N ILE B 30 15.32 14.17 -11.85
CA ILE B 30 13.92 13.80 -11.61
C ILE B 30 13.89 12.42 -10.97
N VAL B 31 13.41 12.35 -9.74
CA VAL B 31 13.51 11.12 -8.94
C VAL B 31 12.13 10.56 -8.60
N VAL B 32 11.90 9.32 -8.98
CA VAL B 32 10.62 8.68 -8.71
C VAL B 32 10.67 7.89 -7.39
N VAL B 33 9.64 8.07 -6.56
CA VAL B 33 9.60 7.46 -5.25
C VAL B 33 8.19 6.97 -4.95
N GLY B 34 8.08 5.95 -4.11
CA GLY B 34 6.79 5.42 -3.70
C GLY B 34 6.93 4.00 -3.20
N THR B 35 5.81 3.44 -2.77
CA THR B 35 5.73 2.05 -2.36
C THR B 35 6.12 1.12 -3.52
N GLN B 36 6.71 -0.02 -3.18
CA GLN B 36 6.98 -1.08 -4.15
C GLN B 36 5.72 -1.38 -4.96
N SER B 37 5.92 -1.50 -6.27
CA SER B 37 4.88 -1.85 -7.27
C SER B 37 3.74 -0.84 -7.44
N SER B 38 4.01 0.42 -7.15
CA SER B 38 2.98 1.46 -7.29
C SER B 38 2.87 2.02 -8.71
N GLY B 39 3.74 1.58 -9.62
CA GLY B 39 3.75 2.06 -11.01
C GLY B 39 4.87 3.05 -11.33
N LYS B 40 5.91 3.05 -10.50
CA LYS B 40 7.03 4.02 -10.57
C LYS B 40 7.86 3.96 -11.85
N SER B 41 8.39 2.78 -12.17
CA SER B 41 9.23 2.62 -13.35
C SER B 41 8.42 2.92 -14.65
N SER B 42 7.14 2.57 -14.68
CA SER B 42 6.30 2.92 -15.83
C SER B 42 6.19 4.42 -16.04
N VAL B 43 6.01 5.16 -14.95
CA VAL B 43 5.97 6.63 -15.03
C VAL B 43 7.29 7.17 -15.59
N LEU B 44 8.41 6.72 -15.03
CA LEU B 44 9.72 7.28 -15.42
C LEU B 44 9.99 7.07 -16.92
N GLU B 45 9.68 5.86 -17.37
CA GLU B 45 9.88 5.42 -18.75
C GLU B 45 8.96 6.16 -19.72
N SER B 46 7.73 6.47 -19.28
CA SER B 46 6.81 7.30 -20.07
C SER B 46 7.37 8.69 -20.40
N LEU B 47 8.29 9.17 -19.56
CA LEU B 47 8.97 10.45 -19.84
C LEU B 47 10.04 10.31 -20.93
N VAL B 48 10.56 9.10 -21.10
CA VAL B 48 11.47 8.77 -22.20
C VAL B 48 10.66 8.49 -23.46
N GLY B 49 9.58 7.73 -23.30
CA GLY B 49 8.72 7.35 -24.42
C GLY B 49 9.20 6.10 -25.14
N ARG B 50 10.31 5.54 -24.65
CA ARG B 50 10.89 4.29 -25.15
C ARG B 50 10.85 3.30 -24.01
N ASP B 51 10.57 2.04 -24.34
CA ASP B 51 10.59 0.97 -23.35
C ASP B 51 12.01 0.46 -23.12
N LEU B 52 12.52 0.70 -21.93
CA LEU B 52 13.90 0.35 -21.57
C LEU B 52 14.09 -0.07 -20.11
N LEU B 53 13.03 0.07 -19.31
CA LEU B 53 13.12 -0.24 -17.89
C LEU B 53 12.43 -1.56 -17.60
N PRO B 54 13.08 -2.46 -16.83
CA PRO B 54 12.35 -3.61 -16.32
C PRO B 54 11.16 -3.17 -15.47
N ARG B 55 9.99 -3.69 -15.82
CA ARG B 55 8.74 -3.47 -15.10
C ARG B 55 8.07 -4.80 -14.91
N GLY B 56 7.22 -4.90 -13.89
CA GLY B 56 6.50 -6.15 -13.66
C GLY B 56 5.97 -6.31 -12.26
N THR B 57 5.47 -7.52 -11.99
CA THR B 57 4.93 -7.88 -10.69
C THR B 57 6.07 -8.15 -9.70
N GLY B 58 5.78 -7.95 -8.40
CA GLY B 58 6.72 -8.19 -7.32
C GLY B 58 7.80 -7.13 -7.25
N ILE B 59 8.89 -7.43 -6.57
CA ILE B 59 10.01 -6.48 -6.49
C ILE B 59 10.80 -6.53 -7.80
N VAL B 60 11.02 -5.36 -8.41
CA VAL B 60 11.66 -5.32 -9.71
C VAL B 60 12.92 -4.47 -9.74
N THR B 61 12.77 -3.17 -9.43
CA THR B 61 13.91 -2.26 -9.38
C THR B 61 14.69 -2.57 -8.09
N ARG B 62 15.88 -3.17 -8.24
CA ARG B 62 16.64 -3.62 -7.06
C ARG B 62 18.01 -2.93 -6.89
N ARG B 63 18.30 -1.99 -7.78
CA ARG B 63 19.45 -1.08 -7.65
C ARG B 63 18.97 0.25 -8.18
N PRO B 64 19.52 1.37 -7.66
CA PRO B 64 19.17 2.65 -8.29
C PRO B 64 19.60 2.64 -9.74
N LEU B 65 18.76 3.20 -10.61
CA LEU B 65 19.11 3.43 -11.99
C LEU B 65 19.25 4.94 -12.24
N ILE B 66 20.46 5.38 -12.52
CA ILE B 66 20.73 6.77 -12.85
C ILE B 66 20.76 6.82 -14.37
N LEU B 67 19.67 7.34 -14.92
CA LEU B 67 19.40 7.33 -16.35
C LEU B 67 19.62 8.73 -16.91
N GLN B 68 20.80 8.93 -17.51
CA GLN B 68 21.19 10.23 -18.02
C GLN B 68 20.81 10.39 -19.50
N LEU B 69 19.84 11.24 -19.78
CA LEU B 69 19.48 11.59 -21.15
C LEU B 69 20.54 12.58 -21.63
N VAL B 70 21.15 12.29 -22.78
CA VAL B 70 22.21 13.16 -23.31
C VAL B 70 21.83 13.62 -24.73
N HIS B 71 21.57 14.91 -24.89
CA HIS B 71 21.20 15.45 -26.20
C HIS B 71 22.41 15.33 -27.14
N VAL B 72 22.14 14.91 -28.38
CA VAL B 72 23.19 14.74 -29.38
C VAL B 72 23.02 15.74 -30.51
N SER B 73 24.08 16.52 -30.77
CA SER B 73 24.13 17.49 -31.87
C SER B 73 24.01 16.78 -33.23
N GLN B 74 23.64 17.54 -34.25
CA GLN B 74 23.54 16.99 -35.61
C GLN B 74 24.88 16.50 -36.13
N GLU B 75 25.96 17.11 -35.66
CA GLU B 75 27.35 16.71 -35.95
C GLU B 75 27.70 15.31 -35.43
N ASP B 76 27.21 14.99 -34.23
CA ASP B 76 27.56 13.74 -33.54
C ASP B 76 26.48 12.67 -33.70
N LYS B 77 25.52 12.94 -34.58
CA LYS B 77 24.40 12.06 -34.88
C LYS B 77 24.85 10.76 -35.56
N ARG B 78 23.92 9.84 -35.75
CA ARG B 78 24.17 8.62 -36.52
C ARG B 78 23.91 8.86 -38.00
N VAL B 87 12.13 6.78 -33.50
CA VAL B 87 12.89 6.01 -34.48
C VAL B 87 14.08 5.32 -33.79
N GLU B 88 14.30 4.05 -34.14
CA GLU B 88 15.35 3.24 -33.51
C GLU B 88 16.70 3.47 -34.20
N ALA B 89 16.67 4.19 -35.31
CA ALA B 89 17.87 4.45 -36.12
C ALA B 89 18.78 5.55 -35.55
N GLU B 90 18.25 6.38 -34.65
CA GLU B 90 18.98 7.58 -34.22
C GLU B 90 19.44 7.60 -32.75
N GLU B 91 19.01 6.61 -31.98
CA GLU B 91 19.23 6.62 -30.54
C GLU B 91 20.06 5.43 -30.08
N TRP B 92 20.89 5.64 -29.05
CA TRP B 92 21.70 4.57 -28.49
C TRP B 92 22.01 4.79 -27.01
N GLY B 93 22.48 3.73 -26.35
CA GLY B 93 22.84 3.77 -24.93
C GLY B 93 24.25 3.26 -24.63
N LYS B 94 24.82 3.74 -23.52
CA LYS B 94 26.09 3.26 -22.96
C LYS B 94 25.93 3.12 -21.45
N PHE B 95 26.43 2.02 -20.90
CA PHE B 95 26.52 1.79 -19.46
C PHE B 95 27.96 2.01 -19.03
N LEU B 96 28.15 2.64 -17.88
CA LEU B 96 29.48 2.78 -17.29
C LEU B 96 30.18 1.43 -17.09
N HIS B 97 29.43 0.43 -16.60
CA HIS B 97 29.98 -0.90 -16.33
C HIS B 97 30.35 -1.73 -17.58
N THR B 98 29.82 -1.35 -18.74
CA THR B 98 30.24 -1.99 -19.99
C THR B 98 31.14 -1.09 -20.83
N LYS B 99 31.76 -0.11 -20.16
CA LYS B 99 32.71 0.82 -20.77
C LYS B 99 32.13 1.35 -22.10
N ASN B 100 32.82 1.10 -23.20
CA ASN B 100 32.50 1.76 -24.46
C ASN B 100 31.60 0.99 -25.44
N LYS B 101 30.97 -0.08 -24.96
CA LYS B 101 30.02 -0.84 -25.78
C LYS B 101 28.77 -0.01 -26.03
N LEU B 102 28.34 0.02 -27.28
CA LEU B 102 27.15 0.80 -27.67
C LEU B 102 25.94 -0.10 -27.87
N TYR B 103 24.80 0.34 -27.34
CA TYR B 103 23.55 -0.42 -27.47
C TYR B 103 22.59 0.31 -28.37
N THR B 104 22.11 -0.39 -29.39
CA THR B 104 21.16 0.15 -30.38
C THR B 104 19.74 -0.34 -30.11
N ASP B 105 19.63 -1.58 -29.62
CA ASP B 105 18.34 -2.19 -29.32
C ASP B 105 17.97 -1.90 -27.87
N PHE B 106 16.86 -1.17 -27.69
CA PHE B 106 16.40 -0.80 -26.35
C PHE B 106 15.89 -2.00 -25.53
N ASP B 107 15.56 -3.10 -26.20
CA ASP B 107 15.25 -4.35 -25.51
C ASP B 107 16.52 -4.92 -24.85
N GLU B 108 17.66 -4.75 -25.52
CA GLU B 108 18.95 -5.23 -25.00
C GLU B 108 19.42 -4.37 -23.84
N ILE B 109 19.10 -3.08 -23.89
CA ILE B 109 19.35 -2.18 -22.78
C ILE B 109 18.56 -2.62 -21.55
N ARG B 110 17.27 -2.92 -21.74
CA ARG B 110 16.43 -3.44 -20.67
C ARG B 110 17.03 -4.69 -20.05
N GLN B 111 17.45 -5.62 -20.91
CA GLN B 111 18.01 -6.90 -20.45
C GLN B 111 19.29 -6.68 -19.64
N GLU B 112 20.13 -5.75 -20.09
CA GLU B 112 21.36 -5.44 -19.38
C GLU B 112 21.16 -4.82 -18.00
N ILE B 113 20.13 -3.98 -17.84
CA ILE B 113 19.75 -3.49 -16.52
C ILE B 113 19.44 -4.69 -15.63
N GLU B 114 18.63 -5.62 -16.17
CA GLU B 114 18.32 -6.85 -15.43
C GLU B 114 19.59 -7.67 -15.16
N ASN B 115 20.45 -7.83 -16.16
CA ASN B 115 21.73 -8.57 -16.01
C ASN B 115 22.56 -8.00 -14.88
N GLU B 116 22.76 -6.69 -14.93
CA GLU B 116 23.63 -5.98 -14.01
C GLU B 116 23.01 -5.92 -12.61
N THR B 117 21.67 -5.92 -12.55
CA THR B 117 20.98 -6.05 -11.26
C THR B 117 21.25 -7.43 -10.62
N GLU B 118 21.12 -8.50 -11.41
CA GLU B 118 21.34 -9.86 -10.91
C GLU B 118 22.76 -10.07 -10.39
N ARG B 119 23.75 -9.52 -11.09
CA ARG B 119 25.16 -9.67 -10.75
C ARG B 119 25.48 -9.14 -9.34
N ILE B 120 24.97 -7.95 -9.04
CA ILE B 120 25.26 -7.30 -7.77
C ILE B 120 24.23 -7.61 -6.69
N SER B 121 22.96 -7.67 -7.07
CA SER B 121 21.87 -7.86 -6.10
C SER B 121 21.43 -9.31 -5.91
N GLY B 122 21.93 -10.22 -6.74
CA GLY B 122 21.51 -11.62 -6.67
C GLY B 122 20.23 -11.88 -7.44
N ASN B 123 19.76 -13.13 -7.38
CA ASN B 123 18.56 -13.57 -8.10
C ASN B 123 17.40 -14.00 -7.19
N ASN B 124 17.45 -13.61 -5.92
CA ASN B 124 16.39 -13.90 -4.95
C ASN B 124 15.98 -12.65 -4.16
N LYS B 125 15.59 -11.60 -4.90
CA LYS B 125 14.95 -10.39 -4.37
C LYS B 125 15.81 -9.42 -3.54
N GLY B 126 17.12 -9.71 -3.43
CA GLY B 126 18.05 -8.83 -2.74
C GLY B 126 18.12 -7.43 -3.34
N VAL B 127 18.45 -6.44 -2.52
CA VAL B 127 18.57 -5.05 -2.99
C VAL B 127 19.98 -4.52 -2.70
N SER B 128 20.52 -3.73 -3.63
CA SER B 128 21.81 -3.08 -3.44
C SER B 128 21.68 -1.57 -3.70
N PRO B 129 22.40 -0.75 -2.91
CA PRO B 129 22.39 0.71 -3.10
C PRO B 129 23.33 1.23 -4.22
N GLU B 130 24.13 0.34 -4.79
CA GLU B 130 25.10 0.68 -5.83
C GLU B 130 24.34 0.99 -7.13
N PRO B 131 24.44 2.25 -7.63
CA PRO B 131 23.67 2.60 -8.83
C PRO B 131 24.18 1.94 -10.10
N ILE B 132 23.25 1.68 -11.03
CA ILE B 132 23.60 1.38 -12.41
C ILE B 132 23.59 2.72 -13.16
N HIS B 133 24.67 2.99 -13.90
CA HIS B 133 24.81 4.25 -14.62
C HIS B 133 24.58 4.04 -16.11
N LEU B 134 23.53 4.67 -16.63
CA LEU B 134 23.15 4.51 -18.02
C LEU B 134 23.00 5.86 -18.71
N LYS B 135 23.60 6.00 -19.88
CA LYS B 135 23.37 7.18 -20.73
C LYS B 135 22.59 6.79 -21.96
N ILE B 136 21.59 7.61 -22.32
CA ILE B 136 20.85 7.44 -23.56
C ILE B 136 21.09 8.67 -24.43
N PHE B 137 21.72 8.46 -25.59
CA PHE B 137 22.07 9.53 -26.51
C PHE B 137 21.00 9.61 -27.59
N SER B 138 20.55 10.83 -27.88
CA SER B 138 19.49 11.08 -28.87
C SER B 138 19.43 12.54 -29.29
N PRO B 139 19.16 12.81 -30.59
CA PRO B 139 18.87 14.18 -31.03
C PRO B 139 17.55 14.70 -30.47
N ASN B 140 16.72 13.82 -29.94
CA ASN B 140 15.37 14.14 -29.49
C ASN B 140 15.13 14.10 -27.98
N VAL B 141 16.19 14.21 -27.19
CA VAL B 141 16.06 14.33 -25.73
C VAL B 141 16.79 15.58 -25.27
N VAL B 142 16.40 16.10 -24.10
CA VAL B 142 17.16 17.15 -23.44
C VAL B 142 18.25 16.52 -22.55
N ASN B 143 19.15 17.34 -22.00
CA ASN B 143 20.11 16.87 -21.01
C ASN B 143 19.42 16.83 -19.64
N LEU B 144 19.09 15.63 -19.18
CA LEU B 144 18.21 15.44 -18.03
C LEU B 144 18.54 14.08 -17.40
N THR B 145 18.63 14.04 -16.07
CA THR B 145 18.85 12.79 -15.35
C THR B 145 17.58 12.34 -14.64
N LEU B 146 17.12 11.13 -14.97
CA LEU B 146 15.99 10.48 -14.32
C LEU B 146 16.55 9.39 -13.43
N VAL B 147 15.97 9.25 -12.24
CA VAL B 147 16.46 8.28 -11.27
C VAL B 147 15.35 7.31 -10.89
N ASP B 148 15.55 6.02 -11.22
CA ASP B 148 14.65 4.96 -10.77
C ASP B 148 15.20 4.37 -9.49
N LEU B 149 14.32 4.10 -8.53
CA LEU B 149 14.72 3.59 -7.21
C LEU B 149 13.85 2.41 -6.77
N PRO B 150 14.40 1.52 -5.92
CA PRO B 150 13.58 0.50 -5.26
C PRO B 150 12.44 1.14 -4.47
N GLY B 151 11.26 0.50 -4.50
CA GLY B 151 10.12 0.97 -3.75
C GLY B 151 10.11 0.53 -2.29
N MET B 152 9.46 1.34 -1.46
CA MET B 152 9.37 1.05 -0.04
C MET B 152 8.59 -0.24 0.22
N THR B 153 9.01 -0.94 1.27
CA THR B 153 8.48 -2.26 1.59
C THR B 153 8.29 -2.41 3.10
N LYS B 154 7.76 -3.54 3.56
CA LYS B 154 7.46 -3.72 4.99
C LYS B 154 7.96 -5.02 5.59
N VAL B 155 7.93 -6.09 4.80
CA VAL B 155 8.28 -7.42 5.29
C VAL B 155 9.36 -8.03 4.37
N PRO B 156 10.52 -8.38 4.94
CA PRO B 156 11.62 -8.94 4.15
C PRO B 156 11.21 -10.21 3.43
N VAL B 157 11.68 -10.36 2.20
CA VAL B 157 11.45 -11.57 1.38
C VAL B 157 12.76 -11.98 0.71
N GLY B 158 12.86 -13.25 0.32
CA GLY B 158 14.05 -13.77 -0.38
C GLY B 158 15.32 -13.59 0.43
N ASP B 159 16.35 -13.05 -0.23
CA ASP B 159 17.64 -12.76 0.41
C ASP B 159 17.65 -11.51 1.29
N GLN B 160 16.55 -10.75 1.32
CA GLN B 160 16.58 -9.44 1.98
C GLN B 160 16.85 -9.56 3.47
N PRO B 161 17.61 -8.59 4.01
CA PRO B 161 17.90 -8.66 5.44
C PRO B 161 16.74 -8.13 6.26
N LYS B 162 16.86 -8.24 7.57
CA LYS B 162 15.78 -7.90 8.49
C LYS B 162 15.45 -6.39 8.46
N ASP B 163 16.45 -5.59 8.17
CA ASP B 163 16.29 -4.13 8.14
C ASP B 163 16.13 -3.56 6.72
N ILE B 164 15.63 -4.37 5.79
CA ILE B 164 15.46 -3.96 4.39
C ILE B 164 14.58 -2.71 4.22
N GLU B 165 13.53 -2.57 5.02
CA GLU B 165 12.67 -1.40 4.84
C GLU B 165 13.48 -0.10 5.06
N LEU B 166 14.23 -0.06 6.15
CA LEU B 166 15.07 1.09 6.44
C LEU B 166 16.20 1.29 5.43
N GLN B 167 16.80 0.20 4.95
CA GLN B 167 17.85 0.34 3.93
C GLN B 167 17.33 1.03 2.67
N ILE B 168 16.14 0.64 2.25
CA ILE B 168 15.49 1.25 1.09
C ILE B 168 15.10 2.70 1.35
N ARG B 169 14.52 2.99 2.53
CA ARG B 169 14.06 4.35 2.83
C ARG B 169 15.23 5.35 2.92
N GLU B 170 16.29 4.93 3.58
CA GLU B 170 17.52 5.75 3.65
C GLU B 170 18.15 5.96 2.27
N LEU B 171 18.12 4.94 1.44
CA LEU B 171 18.62 5.06 0.06
C LEU B 171 17.80 6.10 -0.69
N ILE B 172 16.47 6.02 -0.59
CA ILE B 172 15.63 7.01 -1.27
C ILE B 172 15.96 8.41 -0.78
N LEU B 173 16.02 8.55 0.54
CA LEU B 173 16.35 9.83 1.18
C LEU B 173 17.64 10.48 0.67
N ARG B 174 18.67 9.68 0.46
CA ARG B 174 19.92 10.18 -0.10
C ARG B 174 19.71 10.86 -1.46
N PHE B 175 18.87 10.26 -2.31
CA PHE B 175 18.60 10.86 -3.64
C PHE B 175 17.68 12.08 -3.60
N ILE B 176 16.62 12.03 -2.80
CA ILE B 176 15.67 13.14 -2.83
C ILE B 176 16.02 14.30 -1.89
N SER B 177 16.94 14.07 -0.95
CA SER B 177 17.47 15.16 -0.11
C SER B 177 18.32 16.14 -0.93
N ASN B 178 18.74 15.73 -2.13
CA ASN B 178 19.37 16.62 -3.11
C ASN B 178 18.45 17.82 -3.38
N PRO B 179 18.87 19.03 -2.98
CA PRO B 179 18.04 20.22 -3.20
C PRO B 179 17.72 20.46 -4.68
N ASN B 180 18.64 20.11 -5.57
CA ASN B 180 18.42 20.21 -7.02
C ASN B 180 17.85 18.92 -7.61
N SER B 181 16.71 18.52 -7.07
CA SER B 181 15.96 17.41 -7.61
C SER B 181 14.47 17.70 -7.54
N ILE B 182 13.73 17.09 -8.47
CA ILE B 182 12.27 17.14 -8.48
C ILE B 182 11.78 15.73 -8.15
N ILE B 183 10.92 15.62 -7.15
CA ILE B 183 10.44 14.33 -6.68
C ILE B 183 9.10 14.02 -7.35
N LEU B 184 9.04 12.89 -8.06
CA LEU B 184 7.75 12.40 -8.53
C LEU B 184 7.23 11.46 -7.46
N ALA B 185 6.29 11.96 -6.65
CA ALA B 185 5.78 11.19 -5.54
C ALA B 185 4.62 10.35 -6.04
N VAL B 186 4.86 9.06 -6.24
CA VAL B 186 3.91 8.19 -6.93
C VAL B 186 3.03 7.47 -5.91
N THR B 187 1.71 7.56 -6.10
CA THR B 187 0.73 6.77 -5.33
C THR B 187 -0.30 6.10 -6.26
N ALA B 188 -0.54 4.80 -6.03
CA ALA B 188 -1.49 4.06 -6.83
C ALA B 188 -2.91 4.49 -6.46
N ALA B 189 -3.74 4.68 -7.47
CA ALA B 189 -5.14 5.12 -7.26
C ALA B 189 -6.00 4.14 -6.48
N ASN B 190 -5.63 2.87 -6.49
CA ASN B 190 -6.38 1.82 -5.78
C ASN B 190 -5.93 1.68 -4.31
N THR B 191 -5.24 2.71 -3.81
CA THR B 191 -4.94 2.85 -2.39
C THR B 191 -5.43 4.24 -1.95
N ASP B 192 -5.70 4.41 -0.66
CA ASP B 192 -6.12 5.72 -0.16
C ASP B 192 -4.93 6.67 -0.18
N MET B 193 -5.15 7.91 -0.64
CA MET B 193 -4.07 8.90 -0.76
C MET B 193 -3.39 9.15 0.59
N ALA B 194 -4.18 9.11 1.67
CA ALA B 194 -3.60 9.34 3.01
C ALA B 194 -2.60 8.26 3.43
N THR B 195 -2.59 7.12 2.72
CA THR B 195 -1.60 6.06 2.97
C THR B 195 -0.34 6.20 2.11
N SER B 196 -0.18 7.35 1.45
CA SER B 196 0.89 7.54 0.47
C SER B 196 2.25 7.65 1.15
N GLU B 197 3.06 6.59 1.02
CA GLU B 197 4.43 6.63 1.51
C GLU B 197 5.30 7.62 0.72
N ALA B 198 5.00 7.77 -0.58
CA ALA B 198 5.65 8.76 -1.41
C ALA B 198 5.47 10.19 -0.87
N LEU B 199 4.25 10.58 -0.51
CA LEU B 199 4.04 11.95 0.00
C LEU B 199 4.60 12.17 1.41
N LYS B 200 4.55 11.14 2.24
CA LYS B 200 5.18 11.19 3.57
C LYS B 200 6.69 11.44 3.47
N ILE B 201 7.38 10.67 2.65
CA ILE B 201 8.84 10.80 2.54
C ILE B 201 9.24 12.11 1.85
N SER B 202 8.46 12.52 0.85
CA SER B 202 8.71 13.79 0.15
C SER B 202 8.62 14.97 1.12
N ARG B 203 7.62 14.94 2.00
CA ARG B 203 7.45 16.02 2.98
C ARG B 203 8.59 16.11 3.98
N GLU B 204 9.30 15.01 4.20
CA GLU B 204 10.45 15.04 5.11
C GLU B 204 11.63 15.83 4.56
N VAL B 205 11.79 15.85 3.23
CA VAL B 205 12.89 16.62 2.63
C VAL B 205 12.39 17.92 1.98
N ASP B 206 11.09 17.95 1.66
CA ASP B 206 10.49 19.08 0.96
C ASP B 206 9.19 19.47 1.68
N PRO B 207 9.32 19.98 2.92
CA PRO B 207 8.10 20.21 3.71
C PRO B 207 7.15 21.23 3.09
N ASP B 208 7.68 22.23 2.40
CA ASP B 208 6.85 23.29 1.79
C ASP B 208 6.29 22.92 0.40
N GLY B 209 6.70 21.76 -0.14
CA GLY B 209 6.18 21.27 -1.42
C GLY B 209 6.66 22.04 -2.66
N ARG B 210 7.86 22.62 -2.58
CA ARG B 210 8.41 23.40 -3.71
C ARG B 210 8.99 22.55 -4.86
N ARG B 211 9.19 21.26 -4.61
CA ARG B 211 9.80 20.39 -5.61
C ARG B 211 9.21 18.96 -5.61
N THR B 212 7.95 18.85 -5.19
CA THR B 212 7.25 17.56 -5.13
C THR B 212 6.03 17.63 -6.01
N LEU B 213 5.96 16.72 -6.97
CA LEU B 213 4.81 16.61 -7.84
C LEU B 213 4.19 15.25 -7.57
N ALA B 214 2.90 15.24 -7.26
CA ALA B 214 2.17 14.01 -6.98
C ALA B 214 1.64 13.40 -8.28
N VAL B 215 1.98 12.13 -8.47
CA VAL B 215 1.48 11.37 -9.62
C VAL B 215 0.60 10.24 -9.08
N ILE B 216 -0.61 10.12 -9.61
CA ILE B 216 -1.56 9.08 -9.22
C ILE B 216 -1.65 8.09 -10.38
N THR B 217 -1.17 6.87 -10.16
CA THR B 217 -1.13 5.85 -11.21
C THR B 217 -2.35 4.92 -11.12
N LYS B 218 -2.50 4.01 -12.08
CA LYS B 218 -3.48 2.92 -11.92
C LYS B 218 -4.94 3.40 -11.71
N LEU B 219 -5.30 4.54 -12.31
CA LEU B 219 -6.67 5.07 -12.22
C LEU B 219 -7.67 4.04 -12.73
N ASP B 220 -7.24 3.24 -13.71
CA ASP B 220 -8.09 2.21 -14.30
C ASP B 220 -8.40 1.05 -13.33
N LEU B 221 -7.65 0.96 -12.23
CA LEU B 221 -7.78 -0.19 -11.31
C LEU B 221 -8.69 0.07 -10.11
N MET B 222 -9.27 1.26 -10.03
CA MET B 222 -10.09 1.61 -8.88
C MET B 222 -11.37 0.76 -8.87
N ASP B 223 -11.76 0.38 -7.66
CA ASP B 223 -12.98 -0.36 -7.41
C ASP B 223 -14.21 0.31 -8.05
N ALA B 224 -15.10 -0.51 -8.61
CA ALA B 224 -16.38 0.01 -9.10
C ALA B 224 -17.11 0.75 -7.98
N GLY B 225 -17.69 1.90 -8.33
CA GLY B 225 -18.35 2.76 -7.35
C GLY B 225 -17.42 3.81 -6.76
N THR B 226 -16.17 3.83 -7.17
CA THR B 226 -15.24 4.83 -6.64
C THR B 226 -14.51 5.49 -7.80
N ASP B 227 -13.98 6.68 -7.52
CA ASP B 227 -13.08 7.35 -8.44
C ASP B 227 -12.15 8.29 -7.70
N ALA B 228 -11.20 8.87 -8.43
CA ALA B 228 -10.18 9.73 -7.84
C ALA B 228 -10.49 11.22 -8.01
N MET B 229 -11.77 11.56 -8.19
CA MET B 229 -12.17 12.96 -8.36
C MET B 229 -11.66 13.86 -7.23
N ASP B 230 -11.97 13.51 -5.97
CA ASP B 230 -11.54 14.32 -4.82
C ASP B 230 -10.02 14.42 -4.74
N VAL B 231 -9.35 13.28 -4.94
CA VAL B 231 -7.88 13.23 -4.98
C VAL B 231 -7.32 14.20 -6.03
N LEU B 232 -7.77 14.06 -7.27
CA LEU B 232 -7.23 14.85 -8.38
C LEU B 232 -7.59 16.33 -8.27
N MET B 233 -8.61 16.66 -7.47
CA MET B 233 -9.01 18.06 -7.29
C MET B 233 -8.37 18.70 -6.07
N GLY B 234 -7.46 17.97 -5.42
CA GLY B 234 -6.77 18.46 -4.24
C GLY B 234 -7.62 18.52 -2.99
N ARG B 235 -8.71 17.77 -3.00
CA ARG B 235 -9.66 17.78 -1.88
C ARG B 235 -9.34 16.75 -0.81
N VAL B 236 -8.29 15.96 -1.02
CA VAL B 236 -7.85 15.01 0.00
C VAL B 236 -6.58 15.57 0.63
N ILE B 237 -5.46 15.42 -0.05
CA ILE B 237 -4.23 16.09 0.36
C ILE B 237 -3.93 17.13 -0.71
N PRO B 238 -3.77 18.40 -0.31
CA PRO B 238 -3.35 19.35 -1.33
C PRO B 238 -1.87 19.17 -1.64
N VAL B 239 -1.50 19.22 -2.91
CA VAL B 239 -0.07 19.30 -3.23
C VAL B 239 0.20 20.41 -4.25
N LYS B 240 0.93 21.41 -3.78
CA LYS B 240 1.09 22.72 -4.45
C LYS B 240 1.38 22.64 -5.95
N LEU B 241 2.35 21.81 -6.32
CA LEU B 241 2.83 21.77 -7.69
C LEU B 241 1.92 21.00 -8.64
N GLY B 242 1.03 20.18 -8.08
CA GLY B 242 0.10 19.43 -8.90
C GLY B 242 -0.13 18.00 -8.43
N ILE B 243 -1.30 17.46 -8.78
CA ILE B 243 -1.66 16.07 -8.57
C ILE B 243 -2.12 15.57 -9.94
N ILE B 244 -1.36 14.67 -10.53
CA ILE B 244 -1.57 14.31 -11.92
C ILE B 244 -1.83 12.82 -12.04
N GLY B 245 -3.01 12.47 -12.55
CA GLY B 245 -3.38 11.06 -12.75
C GLY B 245 -2.89 10.54 -14.10
N VAL B 246 -2.40 9.31 -14.09
CA VAL B 246 -1.95 8.64 -15.32
C VAL B 246 -2.51 7.21 -15.39
N VAL B 247 -2.51 6.67 -16.59
CA VAL B 247 -2.88 5.27 -16.81
C VAL B 247 -1.82 4.63 -17.69
N ASN B 248 -0.97 3.81 -17.07
CA ASN B 248 0.03 3.06 -17.81
C ASN B 248 -0.40 1.63 -18.12
N ARG B 249 0.41 0.92 -18.90
CA ARG B 249 0.08 -0.43 -19.35
C ARG B 249 -0.03 -1.43 -18.20
N SER B 250 -1.10 -2.23 -18.25
CA SER B 250 -1.29 -3.33 -17.32
C SER B 250 -0.27 -4.43 -17.62
N GLN B 251 -0.18 -5.40 -16.71
CA GLN B 251 0.72 -6.53 -16.90
C GLN B 251 0.27 -7.33 -18.12
N LEU B 252 -1.04 -7.53 -18.27
CA LEU B 252 -1.60 -8.11 -19.49
C LEU B 252 -1.11 -7.36 -20.75
N ASP B 253 -1.20 -6.03 -20.73
CA ASP B 253 -0.74 -5.18 -21.85
C ASP B 253 0.75 -5.39 -22.15
N ILE B 254 1.58 -5.42 -21.10
CA ILE B 254 3.02 -5.70 -21.24
C ILE B 254 3.23 -7.08 -21.87
N ASN B 255 2.50 -8.08 -21.37
CA ASN B 255 2.56 -9.44 -21.91
C ASN B 255 2.14 -9.49 -23.38
N ASN B 256 1.18 -8.64 -23.75
CA ASN B 256 0.66 -8.58 -25.11
C ASN B 256 1.43 -7.61 -26.02
N LYS B 257 2.56 -7.08 -25.53
CA LYS B 257 3.44 -6.20 -26.34
C LYS B 257 2.73 -4.92 -26.82
N LYS B 258 1.75 -4.45 -26.05
CA LYS B 258 1.02 -3.20 -26.37
C LYS B 258 2.02 -2.05 -26.48
N SER B 259 1.87 -1.25 -27.53
CA SER B 259 2.80 -0.15 -27.83
C SER B 259 2.59 1.06 -26.90
N VAL B 260 3.61 1.91 -26.85
CA VAL B 260 3.52 3.18 -26.11
C VAL B 260 2.40 4.03 -26.73
N THR B 261 2.38 4.09 -28.07
CA THR B 261 1.36 4.87 -28.78
C THR B 261 -0.07 4.50 -28.33
N ASP B 262 -0.33 3.20 -28.25
CA ASP B 262 -1.64 2.72 -27.85
C ASP B 262 -1.93 2.96 -26.37
N SER B 263 -0.89 2.88 -25.55
CA SER B 263 -1.00 3.19 -24.13
C SER B 263 -1.51 4.61 -23.93
N ILE B 264 -0.86 5.56 -24.61
CA ILE B 264 -1.19 6.97 -24.52
C ILE B 264 -2.59 7.28 -25.04
N ARG B 265 -2.95 6.68 -26.18
CA ARG B 265 -4.29 6.86 -26.74
C ARG B 265 -5.35 6.36 -25.78
N ASP B 266 -5.14 5.18 -25.22
CA ASP B 266 -6.08 4.62 -24.24
C ASP B 266 -6.16 5.42 -22.94
N GLU B 267 -5.03 5.97 -22.50
CA GLU B 267 -5.02 6.87 -21.36
C GLU B 267 -5.86 8.12 -21.67
N TYR B 268 -5.66 8.70 -22.86
CA TYR B 268 -6.48 9.85 -23.26
C TYR B 268 -7.97 9.49 -23.25
N ALA B 269 -8.32 8.36 -23.88
CA ALA B 269 -9.72 7.90 -23.94
C ALA B 269 -10.28 7.67 -22.54
N PHE B 270 -9.48 7.06 -21.67
CA PHE B 270 -9.93 6.77 -20.31
C PHE B 270 -10.27 8.06 -19.57
N LEU B 271 -9.40 9.06 -19.65
CA LEU B 271 -9.61 10.32 -18.93
C LEU B 271 -10.82 11.09 -19.48
N GLN B 272 -10.97 11.10 -20.79
CA GLN B 272 -12.15 11.70 -21.44
C GLN B 272 -13.46 11.09 -20.95
N LYS B 273 -13.44 9.78 -20.70
CA LYS B 273 -14.62 9.01 -20.32
C LYS B 273 -14.98 9.14 -18.84
N LYS B 274 -13.98 8.97 -17.98
CA LYS B 274 -14.23 8.89 -16.55
C LYS B 274 -13.95 10.19 -15.80
N TYR B 275 -13.13 11.07 -16.39
CA TYR B 275 -12.80 12.34 -15.75
C TYR B 275 -12.87 13.52 -16.73
N PRO B 276 -14.00 13.66 -17.47
CA PRO B 276 -14.05 14.68 -18.54
C PRO B 276 -13.73 16.09 -18.06
N SER B 277 -14.19 16.46 -16.87
CA SER B 277 -13.97 17.82 -16.37
C SER B 277 -12.51 18.10 -16.02
N LEU B 278 -11.74 17.06 -15.75
CA LEU B 278 -10.34 17.20 -15.34
C LEU B 278 -9.31 16.68 -16.36
N ALA B 279 -9.78 16.10 -17.46
CA ALA B 279 -8.92 15.39 -18.41
C ALA B 279 -7.77 16.22 -18.95
N ASN B 280 -8.02 17.49 -19.24
CA ASN B 280 -6.97 18.34 -19.80
C ASN B 280 -5.87 18.72 -18.81
N ARG B 281 -6.05 18.40 -17.53
CA ARG B 281 -5.00 18.65 -16.54
C ARG B 281 -4.46 17.34 -15.97
N ASN B 282 -4.61 16.26 -16.73
CA ASN B 282 -4.13 14.95 -16.31
C ASN B 282 -3.59 14.16 -17.50
N GLY B 283 -2.96 13.02 -17.21
CA GLY B 283 -2.36 12.23 -18.25
C GLY B 283 -0.87 12.49 -18.40
N THR B 284 -0.23 11.63 -19.19
CA THR B 284 1.22 11.62 -19.32
C THR B 284 1.76 12.90 -19.98
N LYS B 285 1.12 13.36 -21.05
CA LYS B 285 1.53 14.64 -21.67
C LYS B 285 1.48 15.82 -20.71
N TYR B 286 0.41 15.89 -19.91
CA TYR B 286 0.32 16.94 -18.90
C TYR B 286 1.40 16.82 -17.82
N LEU B 287 1.79 15.61 -17.43
CA LEU B 287 2.89 15.43 -16.49
C LEU B 287 4.18 16.00 -17.11
N ALA B 288 4.41 15.69 -18.38
CA ALA B 288 5.59 16.22 -19.08
C ALA B 288 5.60 17.73 -19.15
N ARG B 289 4.46 18.33 -19.50
CA ARG B 289 4.34 19.79 -19.61
C ARG B 289 4.57 20.45 -18.27
N THR B 290 4.03 19.86 -17.21
CA THR B 290 4.21 20.36 -15.85
C THR B 290 5.69 20.32 -15.47
N LEU B 291 6.35 19.20 -15.79
CA LEU B 291 7.79 19.07 -15.56
C LEU B 291 8.63 20.08 -16.36
N ASN B 292 8.31 20.26 -17.65
CA ASN B 292 8.97 21.28 -18.46
C ASN B 292 8.92 22.68 -17.81
N ARG B 293 7.77 23.01 -17.23
CA ARG B 293 7.58 24.33 -16.61
C ARG B 293 8.50 24.47 -15.40
N LEU B 294 8.63 23.41 -14.62
CA LEU B 294 9.52 23.39 -13.45
C LEU B 294 10.98 23.52 -13.87
N LEU B 295 11.35 22.80 -14.93
CA LEU B 295 12.71 22.85 -15.47
C LEU B 295 13.04 24.23 -16.03
N MET B 296 12.11 24.81 -16.79
CA MET B 296 12.26 26.17 -17.32
C MET B 296 12.39 27.22 -16.22
N HIS B 297 11.61 27.06 -15.14
CA HIS B 297 11.72 27.93 -13.94
C HIS B 297 13.16 27.88 -13.38
N HIS B 298 13.74 26.69 -13.32
CA HIS B 298 15.10 26.55 -12.84
C HIS B 298 16.10 27.25 -13.76
N ILE B 299 15.90 27.10 -15.07
CA ILE B 299 16.72 27.75 -16.08
C ILE B 299 16.68 29.26 -15.90
N ARG B 300 15.47 29.81 -15.80
CA ARG B 300 15.32 31.26 -15.65
C ARG B 300 15.95 31.78 -14.36
N ASP B 301 15.77 31.05 -13.26
CA ASP B 301 16.36 31.42 -11.97
C ASP B 301 17.89 31.53 -12.07
N CYS B 302 18.49 30.73 -12.94
CA CYS B 302 19.96 30.65 -13.05
C CYS B 302 20.57 31.55 -14.10
N LEU B 303 19.75 32.24 -14.90
CA LEU B 303 20.28 33.12 -15.95
C LEU B 303 21.20 34.26 -15.45
N PRO B 304 20.88 34.88 -14.30
CA PRO B 304 21.79 35.92 -13.80
C PRO B 304 23.20 35.40 -13.52
N GLU B 305 23.32 34.20 -12.95
CA GLU B 305 24.62 33.55 -12.76
C GLU B 305 25.36 33.43 -14.09
N LEU B 306 24.64 32.90 -15.09
CA LEU B 306 25.19 32.72 -16.41
C LEU B 306 25.64 34.03 -17.06
N LYS B 307 24.77 35.03 -17.02
CA LYS B 307 25.06 36.38 -17.49
C LYS B 307 26.35 36.94 -16.84
N THR B 308 26.42 36.85 -15.51
CA THR B 308 27.57 37.34 -14.76
C THR B 308 28.86 36.65 -15.19
N ARG B 309 28.77 35.35 -15.42
CA ARG B 309 29.89 34.54 -15.85
C ARG B 309 30.38 34.92 -17.25
N ILE B 310 29.44 35.30 -18.12
CA ILE B 310 29.76 35.84 -19.44
C ILE B 310 30.56 37.14 -19.28
N ASN B 311 30.07 38.04 -18.43
CA ASN B 311 30.71 39.33 -18.17
C ASN B 311 32.12 39.20 -17.61
N VAL B 312 32.33 38.22 -16.74
CA VAL B 312 33.67 37.90 -16.21
C VAL B 312 34.62 37.67 -17.38
N LEU B 313 34.25 36.76 -18.28
CA LEU B 313 35.07 36.46 -19.45
C LEU B 313 35.15 37.64 -20.43
N ALA B 314 34.01 38.30 -20.69
CA ALA B 314 34.00 39.48 -21.56
C ALA B 314 34.97 40.56 -21.11
N ALA B 315 34.98 40.88 -19.81
CA ALA B 315 35.94 41.85 -19.28
C ALA B 315 37.38 41.33 -19.40
N GLN B 316 37.58 40.05 -19.08
CA GLN B 316 38.91 39.42 -19.15
C GLN B 316 39.50 39.35 -20.56
N TYR B 317 38.69 39.03 -21.56
CA TYR B 317 39.18 39.01 -22.95
C TYR B 317 39.38 40.42 -23.49
N GLN B 318 38.53 41.35 -23.06
CA GLN B 318 38.68 42.77 -23.39
C GLN B 318 39.99 43.33 -22.85
N SER B 319 40.47 42.77 -21.75
CA SER B 319 41.66 43.27 -21.05
C SER B 319 42.96 43.02 -21.80
N LEU B 320 43.24 41.76 -22.17
CA LEU B 320 44.49 41.45 -22.87
C LEU B 320 44.42 41.89 -24.34
N LEU B 321 43.25 42.40 -24.74
CA LEU B 321 43.07 43.14 -25.98
C LEU B 321 43.52 44.59 -25.79
N ASN B 322 43.45 45.09 -24.55
CA ASN B 322 43.91 46.44 -24.22
C ASN B 322 45.43 46.55 -24.11
N ARG B 337 47.88 36.23 -29.18
CA ARG B 337 46.62 35.95 -28.49
C ARG B 337 45.54 36.99 -28.80
N ARG B 338 45.83 37.89 -29.75
CA ARG B 338 44.91 39.01 -30.05
C ARG B 338 43.70 38.62 -30.92
N LYS B 339 43.89 37.66 -31.81
CA LYS B 339 42.78 37.11 -32.60
C LYS B 339 41.90 36.24 -31.70
N GLU B 340 42.54 35.49 -30.81
CA GLU B 340 41.87 34.74 -29.76
C GLU B 340 40.85 35.60 -29.01
N ALA B 341 41.29 36.78 -28.58
CA ALA B 341 40.47 37.70 -27.80
C ALA B 341 39.27 38.27 -28.56
N ALA B 342 39.52 38.76 -29.79
CA ALA B 342 38.48 39.35 -30.63
C ALA B 342 37.38 38.35 -30.99
N ASP B 343 37.78 37.10 -31.26
CA ASP B 343 36.83 36.04 -31.58
C ASP B 343 35.95 35.72 -30.37
N MET B 344 36.57 35.66 -29.20
CA MET B 344 35.88 35.34 -27.96
C MET B 344 34.89 36.42 -27.53
N LEU B 345 35.29 37.68 -27.65
CA LEU B 345 34.41 38.80 -27.30
C LEU B 345 33.13 38.81 -28.12
N LYS B 346 33.27 38.55 -29.42
CA LYS B 346 32.13 38.43 -30.32
C LYS B 346 31.25 37.25 -29.90
N ALA B 347 31.88 36.10 -29.68
CA ALA B 347 31.19 34.91 -29.19
C ALA B 347 30.44 35.16 -27.87
N LEU B 348 31.06 35.95 -26.99
CA LEU B 348 30.45 36.28 -25.69
C LEU B 348 29.34 37.33 -25.82
N GLN B 349 29.48 38.24 -26.78
CA GLN B 349 28.40 39.16 -27.16
C GLN B 349 27.19 38.39 -27.69
N GLY B 350 27.47 37.35 -28.49
CA GLY B 350 26.44 36.43 -28.96
C GLY B 350 25.74 35.72 -27.82
N ALA B 351 26.53 35.28 -26.84
CA ALA B 351 26.01 34.59 -25.65
C ALA B 351 25.08 35.48 -24.84
N SER B 352 25.45 36.74 -24.69
CA SER B 352 24.64 37.70 -23.94
C SER B 352 23.27 37.91 -24.60
N GLN B 353 23.23 37.95 -25.93
CA GLN B 353 21.95 38.07 -26.65
C GLN B 353 21.10 36.82 -26.46
N ILE B 354 21.76 35.67 -26.48
CA ILE B 354 21.08 34.38 -26.28
C ILE B 354 20.37 34.29 -24.92
N ILE B 355 21.04 34.72 -23.85
CA ILE B 355 20.44 34.74 -22.50
C ILE B 355 19.08 35.43 -22.49
N ALA B 356 19.02 36.61 -23.11
CA ALA B 356 17.79 37.38 -23.15
C ALA B 356 16.70 36.62 -23.91
N GLU B 357 17.07 35.99 -25.02
CA GLU B 357 16.10 35.17 -25.79
C GLU B 357 15.54 34.03 -24.93
N ILE B 358 16.40 33.37 -24.16
CA ILE B 358 15.97 32.26 -23.31
C ILE B 358 14.98 32.73 -22.25
N ARG B 359 15.36 33.79 -21.54
CA ARG B 359 14.52 34.39 -20.50
C ARG B 359 13.11 34.65 -21.04
N GLU B 360 13.06 35.15 -22.28
CA GLU B 360 11.80 35.60 -22.88
C GLU B 360 11.03 34.50 -23.63
N THR B 361 11.52 33.28 -23.54
CA THR B 361 10.83 32.13 -24.13
C THR B 361 9.75 31.61 -23.20
N HIS B 362 8.55 31.44 -23.75
CA HIS B 362 7.45 30.82 -23.04
C HIS B 362 6.95 29.60 -23.82
N LEU B 363 6.89 28.46 -23.15
CA LEU B 363 6.51 27.20 -23.79
C LEU B 363 5.00 27.13 -24.04
N TRP B 364 4.63 26.76 -25.26
CA TRP B 364 3.22 26.60 -25.68
C TRP B 364 2.45 25.60 -24.81
N3B GNH C . -11.63 0.69 5.47
PB GNH C . -11.61 -0.91 5.90
O1B GNH C . -12.33 -1.05 7.27
O2B GNH C . -10.16 -1.32 5.79
O3A GNH C . -12.29 -1.68 4.69
PA GNH C . -13.86 -1.67 4.34
O1A GNH C . -14.40 -3.02 4.73
O2A GNH C . -14.50 -0.44 4.88
O5' GNH C . -13.77 -1.57 2.75
C5' GNH C . -13.02 -0.52 2.11
C4' GNH C . -13.51 -0.36 0.66
O4' GNH C . -13.07 -1.47 -0.14
C3' GNH C . -15.02 -0.33 0.54
O3' GNH C . -15.32 0.61 -0.50
C2' GNH C . -15.40 -1.75 0.10
O2' GNH C . -16.53 -1.81 -0.76
C1' GNH C . -14.19 -2.19 -0.69
N9 GNH C . -13.88 -3.62 -0.54
C8 GNH C . -13.61 -4.27 0.59
N7 GNH C . -13.31 -5.55 0.32
C5 GNH C . -13.41 -5.68 -1.01
C6 GNH C . -13.24 -6.78 -1.95
O6 GNH C . -12.89 -7.98 -1.48
N1 GNH C . -13.42 -6.57 -3.27
C2 GNH C . -13.76 -5.35 -3.74
N2 GNH C . -13.95 -5.16 -5.07
N3 GNH C . -13.92 -4.31 -2.90
C4 GNH C . -13.75 -4.46 -1.56
P PO4 D . -10.55 2.43 8.17
O1 PO4 D . -10.86 3.32 7.00
O2 PO4 D . -9.41 1.53 7.77
O3 PO4 D . -11.78 1.58 8.58
O4 PO4 D . -9.98 3.33 9.26
MG MG E . -12.92 0.01 8.82
N3B GNH F . 7.26 -1.69 -9.34
PB GNH F . 7.12 -0.13 -9.86
O1B GNH F . 8.51 0.24 -10.45
O2B GNH F . 6.51 0.70 -8.75
O3A GNH F . 5.93 -0.17 -10.95
PA GNH F . 6.02 -0.78 -12.46
O1A GNH F . 6.09 0.36 -13.42
O2A GNH F . 7.09 -1.84 -12.56
O5' GNH F . 4.57 -1.44 -12.59
C5' GNH F . 4.09 -2.34 -11.59
C4' GNH F . 3.00 -3.24 -12.18
O4' GNH F . 1.79 -2.47 -12.26
C3' GNH F . 3.27 -3.78 -13.58
O3' GNH F . 2.71 -5.09 -13.63
C2' GNH F . 2.51 -2.85 -14.50
O2' GNH F . 2.02 -3.49 -15.69
C1' GNH F . 1.35 -2.38 -13.63
N9 GNH F . 0.98 -0.97 -13.85
C8 GNH F . 1.76 0.12 -13.71
N7 GNH F . 1.02 1.23 -13.98
C5 GNH F . -0.23 0.79 -14.24
C6 GNH F . -1.51 1.44 -14.58
O6 GNH F . -1.56 2.79 -14.67
N1 GNH F . -2.61 0.67 -14.79
C2 GNH F . -2.55 -0.69 -14.68
N2 GNH F . -3.65 -1.46 -14.91
N3 GNH F . -1.40 -1.30 -14.38
C4 GNH F . -0.26 -0.59 -14.15
P PO4 G . 9.97 -1.68 -7.40
O1 PO4 G . 8.82 -2.64 -7.53
O2 PO4 G . 9.42 -0.53 -6.62
O3 PO4 G . 10.46 -1.25 -8.80
O4 PO4 G . 11.02 -2.35 -6.52
MG MG H . 10.41 -0.21 -10.46
CA CA I . 21.11 33.36 -32.90
O1 PG4 J . -10.64 -7.32 -15.17
C1 PG4 J . -9.65 -6.38 -15.62
C2 PG4 J . -8.93 -5.81 -14.41
O2 PG4 J . -9.81 -5.78 -13.29
C3 PG4 J . -9.21 -5.23 -12.14
C4 PG4 J . -9.55 -3.76 -12.03
O3 PG4 J . -10.79 -3.66 -11.35
C5 PG4 J . -11.33 -2.35 -11.44
C6 PG4 J . -12.80 -2.47 -11.09
O4 PG4 J . -13.49 -2.78 -12.28
C7 PG4 J . -14.78 -3.35 -12.01
C8 PG4 J . -15.78 -2.82 -13.02
O5 PG4 J . -15.13 -2.57 -14.27
O1 PG4 K . 30.90 12.87 -5.79
C1 PG4 K . 29.95 12.89 -4.71
C2 PG4 K . 28.80 13.83 -5.08
O2 PG4 K . 28.37 14.56 -3.93
C3 PG4 K . 27.42 15.57 -4.24
C4 PG4 K . 26.02 14.97 -4.34
O3 PG4 K . 25.35 15.47 -5.50
C5 PG4 K . 24.69 14.43 -6.24
C6 PG4 K . 23.27 14.21 -5.72
O4 PG4 K . 22.82 12.88 -6.01
C7 PG4 K . 22.38 12.15 -4.86
C8 PG4 K . 23.53 11.32 -4.27
O5 PG4 K . 23.14 9.95 -4.11
#